data_4N99
#
_entry.id   4N99
#
_cell.length_a   41.010
_cell.length_b   65.130
_cell.length_c   73.240
_cell.angle_alpha   72.950
_cell.angle_beta   85.060
_cell.angle_gamma   85.240
#
_symmetry.space_group_name_H-M   'P 1'
#
loop_
_entity.id
_entity.type
_entity.pdbx_description
1 polymer 'DNA polymerase III subunit beta'
2 non-polymer '6-chloro-2,3,4,9-tetrahydro-1H-carbazole-7-carboxylic acid'
3 non-polymer DI(HYDROXYETHYL)ETHER
4 non-polymer 'TETRAETHYLENE GLYCOL'
5 non-polymer 'CALCIUM ION'
6 water water
#
_entity_poly.entity_id   1
_entity_poly.type   'polypeptide(L)'
_entity_poly.pdbx_seq_one_letter_code
;MKFTVEREHLLKPLQQVSGPLGGRPTLPILGNLLLQVADGTLSLTGTDLEMEMVARVALVQPHEPGATTVPARKFFDICR
GLPEGAEIAVQLEGERMLVRSGRSRFSLSTLPAADFPNLDDWQSEVEFTLPQATMKRLIEATQFSMAHQDVRYYLNGMLF
ETEGEELRTVATDGHRLAVCSMPIGQSLPSHSVIVPRKGVIELMRMLDGGDNPLRVQIGSNNIRAHVGDFIFTSKLVDGR
FPDYRRVLPKNPDKHLEAGCDLLKQAFARAAILSNEKFRGVRLYVSENQLKITANNPEQEEAEEILDVTYSGAEMEIGFN
VSYVLDVLNALKCENVRMMLTDSVSSVQIEDAASQSAAYVVMPMRL
;
_entity_poly.pdbx_strand_id   A,B
#
# COMPACT_ATOMS: atom_id res chain seq x y z
N MET A 1 -11.11 -3.15 38.75
CA MET A 1 -11.76 -2.89 37.44
C MET A 1 -12.20 -4.19 36.78
N LYS A 2 -13.47 -4.24 36.36
CA LYS A 2 -14.05 -5.42 35.73
C LYS A 2 -15.19 -5.03 34.79
N PHE A 3 -15.13 -5.52 33.55
CA PHE A 3 -16.22 -5.33 32.59
C PHE A 3 -16.30 -6.45 31.54
N THR A 4 -17.52 -6.75 31.13
CA THR A 4 -17.78 -7.68 30.04
C THR A 4 -18.61 -6.96 28.98
N VAL A 5 -18.09 -6.89 27.76
CA VAL A 5 -18.74 -6.16 26.67
C VAL A 5 -18.55 -6.88 25.33
N GLU A 6 -19.54 -6.72 24.45
CA GLU A 6 -19.48 -7.27 23.09
C GLU A 6 -18.31 -6.68 22.30
N ARG A 7 -17.73 -7.49 21.41
CA ARG A 7 -16.64 -7.07 20.54
C ARG A 7 -17.04 -5.88 19.65
N GLU A 8 -18.27 -5.93 19.15
CA GLU A 8 -18.82 -4.88 18.27
C GLU A 8 -18.67 -3.46 18.85
N HIS A 9 -18.91 -3.32 20.15
CA HIS A 9 -18.90 -2.02 20.80
C HIS A 9 -17.50 -1.50 21.13
N LEU A 10 -16.48 -2.36 21.00
CA LEU A 10 -15.09 -1.97 21.25
C LEU A 10 -14.31 -1.61 19.99
N LEU A 11 -14.67 -2.24 18.86
CA LEU A 11 -13.91 -2.13 17.62
C LEU A 11 -13.68 -0.70 17.13
N LYS A 12 -14.77 0.06 16.97
CA LYS A 12 -14.71 1.45 16.51
C LYS A 12 -14.00 2.38 17.51
N PRO A 13 -14.40 2.35 18.81
CA PRO A 13 -13.71 3.17 19.82
C PRO A 13 -12.21 2.89 19.94
N LEU A 14 -11.82 1.62 19.93
CA LEU A 14 -10.40 1.24 20.00
C LEU A 14 -9.57 1.80 18.86
N GLN A 15 -10.14 1.80 17.66
CA GLN A 15 -9.47 2.29 16.45
C GLN A 15 -9.23 3.81 16.52
N GLN A 16 -10.19 4.53 17.12
CA GLN A 16 -10.13 5.97 17.22
C GLN A 16 -9.11 6.45 18.27
N VAL A 17 -9.01 5.72 19.38
CA VAL A 17 -8.13 6.10 20.48
C VAL A 17 -6.68 5.62 20.28
N SER A 18 -6.47 4.74 19.32
CA SER A 18 -5.13 4.31 18.91
C SER A 18 -4.59 5.20 17.79
N GLY A 19 -5.26 6.33 17.56
CA GLY A 19 -4.82 7.32 16.57
C GLY A 19 -3.54 8.03 16.96
N PRO A 20 -3.57 8.81 18.06
CA PRO A 20 -2.38 9.51 18.56
C PRO A 20 -1.32 8.53 19.08
N LEU A 27 8.43 7.80 25.05
CA LEU A 27 7.88 7.47 26.36
C LEU A 27 7.02 6.21 26.28
N PRO A 28 7.24 5.25 27.20
CA PRO A 28 6.55 3.95 27.18
C PRO A 28 5.04 4.03 27.42
N ILE A 29 4.62 4.88 28.35
CA ILE A 29 3.22 4.98 28.74
C ILE A 29 2.32 5.57 27.64
N LEU A 30 2.94 6.21 26.67
CA LEU A 30 2.21 6.80 25.54
C LEU A 30 1.74 5.75 24.53
N GLY A 31 2.35 4.56 24.58
CA GLY A 31 1.98 3.46 23.70
C GLY A 31 0.85 2.62 24.25
N ASN A 32 0.35 3.01 25.42
CA ASN A 32 -0.73 2.30 26.10
C ASN A 32 -2.05 3.08 26.03
N LEU A 33 -3.15 2.41 26.39
CA LEU A 33 -4.48 3.04 26.45
C LEU A 33 -5.00 3.07 27.89
N LEU A 34 -5.54 4.22 28.29
CA LEU A 34 -6.14 4.37 29.62
C LEU A 34 -7.58 3.85 29.61
N LEU A 35 -7.81 2.79 30.39
CA LEU A 35 -9.16 2.22 30.53
C LEU A 35 -9.72 2.57 31.91
N GLN A 36 -10.85 3.28 31.91
CA GLN A 36 -11.53 3.66 33.14
C GLN A 36 -12.95 3.14 33.14
N VAL A 37 -13.37 2.54 34.26
CA VAL A 37 -14.75 2.11 34.43
C VAL A 37 -15.36 2.91 35.58
N ALA A 38 -16.34 3.74 35.25
CA ALA A 38 -17.03 4.58 36.23
C ALA A 38 -18.49 4.76 35.81
N ASP A 39 -19.37 4.89 36.81
CA ASP A 39 -20.82 4.92 36.60
C ASP A 39 -21.25 3.63 35.88
N GLY A 40 -21.63 3.76 34.61
CA GLY A 40 -21.96 2.60 33.79
C GLY A 40 -21.23 2.65 32.46
N THR A 41 -20.09 3.32 32.46
CA THR A 41 -19.37 3.62 31.23
C THR A 41 -17.93 3.13 31.29
N LEU A 42 -17.45 2.58 30.16
CA LEU A 42 -16.03 2.35 29.96
C LEU A 42 -15.46 3.50 29.15
N SER A 43 -14.39 4.10 29.66
CA SER A 43 -13.70 5.18 28.96
C SER A 43 -12.32 4.74 28.49
N LEU A 44 -12.03 4.98 27.22
CA LEU A 44 -10.75 4.63 26.60
C LEU A 44 -10.04 5.90 26.13
N THR A 45 -8.79 6.08 26.57
CA THR A 45 -8.03 7.28 26.23
C THR A 45 -6.63 6.97 25.70
N GLY A 46 -6.31 7.54 24.54
CA GLY A 46 -4.97 7.50 23.97
C GLY A 46 -4.42 8.90 23.80
N THR A 47 -3.10 9.05 23.94
CA THR A 47 -2.46 10.36 23.83
C THR A 47 -1.02 10.30 23.30
N ASP A 48 -0.57 11.42 22.75
CA ASP A 48 0.84 11.58 22.39
C ASP A 48 1.44 12.82 23.07
N LEU A 49 0.87 13.16 24.24
CA LEU A 49 1.22 14.35 25.02
C LEU A 49 0.62 15.65 24.48
N GLU A 50 0.58 15.80 23.17
CA GLU A 50 0.07 17.02 22.53
C GLU A 50 -1.45 16.98 22.38
N MET A 51 -1.96 15.85 21.88
CA MET A 51 -3.40 15.68 21.66
C MET A 51 -3.93 14.48 22.43
N GLU A 52 -5.26 14.32 22.43
CA GLU A 52 -5.93 13.33 23.24
C GLU A 52 -7.28 12.93 22.64
N MET A 53 -7.55 11.62 22.61
CA MET A 53 -8.82 11.09 22.10
C MET A 53 -9.51 10.19 23.13
N VAL A 54 -10.67 10.63 23.61
CA VAL A 54 -11.43 9.88 24.61
C VAL A 54 -12.69 9.27 23.97
N ALA A 55 -12.91 7.98 24.21
CA ALA A 55 -14.09 7.28 23.71
C ALA A 55 -14.90 6.67 24.85
N ARG A 56 -16.22 6.72 24.72
CA ARG A 56 -17.11 6.16 25.73
C ARG A 56 -17.93 5.02 25.16
N VAL A 57 -18.04 3.94 25.92
CA VAL A 57 -18.89 2.79 25.59
C VAL A 57 -19.68 2.34 26.82
N ALA A 58 -20.98 2.16 26.63
CA ALA A 58 -21.90 1.77 27.71
C ALA A 58 -21.71 0.33 28.15
N LEU A 59 -21.86 0.10 29.45
CA LEU A 59 -21.74 -1.24 30.04
C LEU A 59 -23.03 -1.61 30.75
N VAL A 60 -23.64 -2.71 30.32
CA VAL A 60 -24.89 -3.18 30.91
C VAL A 60 -24.66 -4.42 31.78
N GLN A 61 -23.65 -5.20 31.44
CA GLN A 61 -23.28 -6.40 32.18
C GLN A 61 -22.63 -6.02 33.52
N PRO A 62 -22.77 -6.89 34.55
CA PRO A 62 -22.12 -6.67 35.83
C PRO A 62 -20.71 -6.12 35.67
N HIS A 63 -20.46 -4.96 36.27
CA HIS A 63 -19.17 -4.30 36.14
C HIS A 63 -18.67 -3.78 37.49
N GLU A 64 -17.35 -3.62 37.59
CA GLU A 64 -16.72 -3.09 38.80
C GLU A 64 -15.83 -1.90 38.43
N PRO A 65 -15.97 -0.78 39.16
CA PRO A 65 -15.21 0.43 38.83
C PRO A 65 -13.71 0.32 39.10
N GLY A 66 -12.92 1.08 38.36
CA GLY A 66 -11.46 1.05 38.47
C GLY A 66 -10.79 1.47 37.18
N ALA A 67 -9.46 1.63 37.23
CA ALA A 67 -8.71 2.11 36.08
C ALA A 67 -7.29 1.55 36.02
N THR A 68 -6.82 1.31 34.79
CA THR A 68 -5.47 0.84 34.53
C THR A 68 -5.05 1.23 33.11
N THR A 69 -3.84 0.83 32.71
CA THR A 69 -3.33 1.14 31.37
C THR A 69 -2.83 -0.14 30.71
N VAL A 70 -3.11 -0.31 29.42
CA VAL A 70 -2.68 -1.49 28.66
C VAL A 70 -2.21 -1.12 27.25
N PRO A 71 -1.19 -1.85 26.73
CA PRO A 71 -0.66 -1.60 25.39
C PRO A 71 -1.76 -1.44 24.34
N ALA A 72 -1.66 -0.36 23.54
CA ALA A 72 -2.68 0.01 22.57
C ALA A 72 -2.81 -0.97 21.40
N ARG A 73 -1.69 -1.24 20.73
CA ARG A 73 -1.68 -2.11 19.56
C ARG A 73 -2.02 -3.57 19.92
N LYS A 74 -1.54 -4.03 21.08
CA LYS A 74 -1.78 -5.39 21.54
C LYS A 74 -3.25 -5.66 21.89
N PHE A 75 -3.84 -4.80 22.70
CA PHE A 75 -5.23 -4.96 23.13
C PHE A 75 -6.19 -4.83 21.95
N PHE A 76 -5.84 -3.97 20.99
CA PHE A 76 -6.60 -3.81 19.75
C PHE A 76 -6.51 -5.05 18.86
N ASP A 77 -5.29 -5.57 18.70
CA ASP A 77 -5.06 -6.75 17.85
C ASP A 77 -5.71 -8.01 18.42
N ILE A 78 -5.82 -8.07 19.75
CA ILE A 78 -6.50 -9.17 20.43
C ILE A 78 -8.01 -9.12 20.16
N CYS A 79 -8.62 -7.97 20.42
CA CYS A 79 -10.06 -7.77 20.24
C CYS A 79 -10.51 -7.94 18.79
N ARG A 80 -9.72 -7.41 17.87
CA ARG A 80 -9.98 -7.53 16.44
C ARG A 80 -9.71 -8.95 15.94
N GLY A 81 -8.70 -9.60 16.52
CA GLY A 81 -8.35 -10.98 16.19
C GLY A 81 -9.38 -12.01 16.58
N LEU A 82 -10.19 -11.68 17.59
CA LEU A 82 -11.29 -12.54 18.03
C LEU A 82 -12.40 -12.59 16.96
N PRO A 83 -13.21 -13.66 16.95
CA PRO A 83 -14.29 -13.78 15.97
C PRO A 83 -15.46 -12.82 16.25
N GLU A 84 -16.28 -12.59 15.23
CA GLU A 84 -17.45 -11.71 15.37
C GLU A 84 -18.48 -12.34 16.31
N GLY A 85 -19.17 -11.49 17.07
CA GLY A 85 -20.18 -11.95 18.02
C GLY A 85 -19.61 -12.40 19.36
N ALA A 86 -18.32 -12.17 19.54
CA ALA A 86 -17.63 -12.58 20.77
C ALA A 86 -17.86 -11.59 21.90
N GLU A 87 -18.08 -12.12 23.09
CA GLU A 87 -18.12 -11.31 24.29
C GLU A 87 -16.70 -11.23 24.82
N ILE A 88 -16.29 -10.06 25.30
CA ILE A 88 -14.94 -9.87 25.84
C ILE A 88 -15.00 -9.49 27.32
N ALA A 89 -14.54 -10.41 28.17
CA ALA A 89 -14.49 -10.20 29.61
C ALA A 89 -13.10 -9.72 30.04
N VAL A 90 -13.06 -8.60 30.74
CA VAL A 90 -11.81 -7.95 31.12
C VAL A 90 -11.79 -7.72 32.64
N GLN A 91 -10.68 -8.09 33.28
CA GLN A 91 -10.51 -7.86 34.72
C GLN A 91 -9.07 -7.57 35.12
N LEU A 92 -8.90 -6.56 35.95
CA LEU A 92 -7.59 -6.22 36.51
C LEU A 92 -7.26 -7.15 37.66
N GLU A 93 -6.09 -7.77 37.60
CA GLU A 93 -5.66 -8.71 38.63
C GLU A 93 -4.20 -8.47 39.03
N GLY A 94 -4.00 -7.45 39.87
CA GLY A 94 -2.66 -7.05 40.28
C GLY A 94 -1.92 -6.32 39.17
N GLU A 95 -0.75 -6.84 38.82
CA GLU A 95 0.10 -6.22 37.79
C GLU A 95 -0.26 -6.64 36.37
N ARG A 96 -1.40 -7.28 36.19
CA ARG A 96 -1.84 -7.75 34.88
C ARG A 96 -3.32 -7.52 34.62
N MET A 97 -3.68 -7.31 33.36
CA MET A 97 -5.07 -7.25 32.95
C MET A 97 -5.39 -8.53 32.20
N LEU A 98 -6.40 -9.26 32.67
CA LEU A 98 -6.78 -10.54 32.09
C LEU A 98 -7.94 -10.36 31.10
N VAL A 99 -7.71 -10.78 29.86
CA VAL A 99 -8.71 -10.69 28.79
C VAL A 99 -9.20 -12.09 28.44
N ARG A 100 -10.52 -12.29 28.50
CA ARG A 100 -11.13 -13.61 28.30
C ARG A 100 -12.28 -13.55 27.30
N SER A 101 -12.27 -14.49 26.35
CA SER A 101 -13.33 -14.64 25.36
C SER A 101 -13.33 -16.08 24.85
N GLY A 102 -14.46 -16.77 25.00
CA GLY A 102 -14.57 -18.18 24.66
C GLY A 102 -13.54 -18.99 25.44
N ARG A 103 -12.63 -19.63 24.72
CA ARG A 103 -11.49 -20.31 25.33
C ARG A 103 -10.17 -19.65 24.92
N SER A 104 -10.18 -18.32 24.88
CA SER A 104 -9.00 -17.52 24.59
C SER A 104 -8.64 -16.67 25.80
N ARG A 105 -7.38 -16.80 26.24
CA ARG A 105 -6.89 -16.10 27.43
C ARG A 105 -5.72 -15.19 27.09
N PHE A 106 -5.74 -13.98 27.64
CA PHE A 106 -4.69 -13.01 27.40
C PHE A 106 -4.39 -12.24 28.68
N SER A 107 -3.13 -12.24 29.09
CA SER A 107 -2.69 -11.39 30.19
C SER A 107 -1.72 -10.34 29.66
N LEU A 108 -2.12 -9.08 29.78
CA LEU A 108 -1.34 -7.95 29.28
C LEU A 108 -0.65 -7.23 30.43
N SER A 109 0.57 -6.74 30.18
CA SER A 109 1.31 -5.97 31.17
C SER A 109 0.65 -4.61 31.38
N THR A 110 0.70 -4.11 32.62
CA THR A 110 -0.02 -2.89 32.98
C THR A 110 0.88 -1.78 33.51
N LEU A 111 0.36 -0.56 33.44
CA LEU A 111 0.95 0.62 34.07
C LEU A 111 -0.17 1.35 34.79
N PRO A 112 0.12 1.91 35.99
CA PRO A 112 -0.93 2.53 36.80
C PRO A 112 -1.64 3.70 36.09
N ALA A 113 -2.93 3.85 36.38
CA ALA A 113 -3.75 4.91 35.77
C ALA A 113 -3.35 6.30 36.25
N ALA A 114 -2.87 6.38 37.50
CA ALA A 114 -2.39 7.63 38.08
C ALA A 114 -1.17 8.19 37.34
N ASP A 115 -0.42 7.32 36.68
CA ASP A 115 0.78 7.70 35.94
C ASP A 115 0.50 8.12 34.50
N PHE A 116 -0.73 7.92 34.05
CA PHE A 116 -1.13 8.28 32.69
C PHE A 116 -1.16 9.80 32.51
N PRO A 117 -0.53 10.30 31.43
CA PRO A 117 -0.45 11.74 31.18
C PRO A 117 -1.79 12.33 30.78
N ASN A 118 -2.38 13.12 31.67
CA ASN A 118 -3.60 13.85 31.39
C ASN A 118 -3.29 15.31 31.07
N LEU A 119 -4.00 15.88 30.11
CA LEU A 119 -3.82 17.28 29.73
C LEU A 119 -4.35 18.23 30.79
N ASP A 120 -3.67 19.35 30.96
CA ASP A 120 -4.08 20.40 31.89
C ASP A 120 -5.49 20.89 31.59
N ASP A 121 -6.20 21.28 32.64
CA ASP A 121 -7.55 21.84 32.50
C ASP A 121 -7.48 23.27 31.97
N TRP A 122 -8.46 23.63 31.14
CA TRP A 122 -8.46 24.88 30.42
C TRP A 122 -9.90 25.32 30.17
N GLN A 123 -10.10 26.62 29.93
CA GLN A 123 -11.44 27.14 29.71
C GLN A 123 -11.73 27.41 28.23
N SER A 124 -12.96 27.07 27.82
CA SER A 124 -13.46 27.38 26.50
C SER A 124 -13.75 28.88 26.38
N GLU A 125 -13.31 29.49 25.28
CA GLU A 125 -13.50 30.92 25.05
C GLU A 125 -14.43 31.16 23.88
N VAL A 126 -14.37 30.27 22.88
CA VAL A 126 -15.23 30.32 21.71
C VAL A 126 -15.89 28.97 21.51
N GLU A 127 -17.22 28.98 21.32
CA GLU A 127 -17.98 27.77 21.10
C GLU A 127 -18.90 27.88 19.90
N PHE A 128 -18.91 26.83 19.07
CA PHE A 128 -19.80 26.75 17.91
C PHE A 128 -20.06 25.30 17.49
N THR A 129 -21.19 25.08 16.84
CA THR A 129 -21.54 23.77 16.30
C THR A 129 -21.66 23.85 14.78
N LEU A 130 -21.24 22.79 14.10
CA LEU A 130 -21.32 22.71 12.64
C LEU A 130 -21.45 21.25 12.19
N PRO A 131 -22.04 21.03 10.99
CA PRO A 131 -22.14 19.68 10.45
C PRO A 131 -20.78 19.04 10.17
N GLN A 132 -20.70 17.73 10.36
CA GLN A 132 -19.51 16.94 10.04
C GLN A 132 -18.96 17.21 8.64
N ALA A 133 -19.86 17.20 7.66
CA ALA A 133 -19.51 17.36 6.26
C ALA A 133 -18.84 18.70 5.96
N THR A 134 -19.22 19.73 6.72
CA THR A 134 -18.63 21.07 6.59
C THR A 134 -17.18 21.10 7.09
N MET A 135 -16.94 20.55 8.28
CA MET A 135 -15.61 20.47 8.85
C MET A 135 -14.68 19.60 7.99
N LYS A 136 -15.22 18.50 7.47
CA LYS A 136 -14.50 17.67 6.49
C LYS A 136 -14.14 18.50 5.26
N ARG A 137 -15.14 19.18 4.70
CA ARG A 137 -14.95 20.06 3.54
C ARG A 137 -13.86 21.10 3.80
N LEU A 138 -13.92 21.74 4.96
CA LEU A 138 -12.96 22.77 5.36
C LEU A 138 -11.53 22.23 5.46
N ILE A 139 -11.37 21.07 6.06
CA ILE A 139 -10.05 20.44 6.22
C ILE A 139 -9.52 19.89 4.89
N GLU A 140 -10.35 19.13 4.19
CA GLU A 140 -9.99 18.53 2.89
C GLU A 140 -9.45 19.54 1.88
N ALA A 141 -10.09 20.72 1.83
CA ALA A 141 -9.77 21.75 0.85
C ALA A 141 -8.43 22.43 1.07
N THR A 142 -7.88 22.30 2.28
CA THR A 142 -6.66 23.04 2.65
C THR A 142 -5.54 22.18 3.23
N GLN A 143 -5.86 20.93 3.61
CA GLN A 143 -4.92 20.04 4.31
C GLN A 143 -3.54 19.94 3.66
N PHE A 144 -3.53 19.74 2.34
CA PHE A 144 -2.29 19.52 1.58
C PHE A 144 -1.31 20.70 1.61
N SER A 145 -1.82 21.90 1.87
CA SER A 145 -1.00 23.11 1.88
C SER A 145 -0.24 23.35 3.18
N MET A 146 -0.50 22.52 4.19
CA MET A 146 0.21 22.61 5.47
C MET A 146 1.69 22.28 5.29
N ALA A 147 2.54 22.96 6.04
CA ALA A 147 3.96 22.62 6.09
C ALA A 147 4.13 21.34 6.91
N HIS A 148 5.19 20.59 6.62
CA HIS A 148 5.41 19.30 7.27
C HIS A 148 6.39 19.37 8.45
N GLN A 149 7.63 19.76 8.18
CA GLN A 149 8.66 19.83 9.21
C GLN A 149 9.45 21.14 9.15
N ASP A 150 8.77 22.21 8.75
CA ASP A 150 9.37 23.52 8.62
C ASP A 150 9.82 24.07 9.97
N VAL A 151 10.99 24.73 9.98
CA VAL A 151 11.55 25.34 11.20
C VAL A 151 10.59 26.36 11.79
N ARG A 152 9.82 27.01 10.93
CA ARG A 152 8.72 27.86 11.36
C ARG A 152 7.55 26.99 11.79
N TYR A 153 7.53 26.66 13.08
CA TYR A 153 6.58 25.73 13.69
C TYR A 153 5.11 26.09 13.49
N TYR A 154 4.82 27.39 13.41
CA TYR A 154 3.45 27.90 13.25
C TYR A 154 2.82 27.52 11.91
N LEU A 155 3.65 27.12 10.95
CA LEU A 155 3.17 26.69 9.63
C LEU A 155 2.88 25.18 9.61
N ASN A 156 3.44 24.45 10.56
CA ASN A 156 3.20 23.01 10.69
C ASN A 156 1.83 22.70 11.30
N GLY A 157 0.79 23.18 10.61
CA GLY A 157 -0.58 23.06 11.08
C GLY A 157 -1.52 23.92 10.27
N MET A 158 -2.72 24.14 10.81
CA MET A 158 -3.76 24.83 10.08
C MET A 158 -4.42 25.90 10.94
N LEU A 159 -4.60 27.09 10.36
CA LEU A 159 -5.29 28.18 11.04
C LEU A 159 -6.79 27.98 10.97
N PHE A 160 -7.43 27.95 12.14
CA PHE A 160 -8.89 27.94 12.24
C PHE A 160 -9.36 29.33 12.63
N GLU A 161 -10.12 29.98 11.74
CA GLU A 161 -10.56 31.34 11.94
C GLU A 161 -12.07 31.47 11.94
N THR A 162 -12.58 32.17 12.95
CA THR A 162 -13.99 32.56 13.00
C THR A 162 -14.11 34.03 12.64
N GLU A 163 -15.06 34.35 11.78
CA GLU A 163 -15.35 35.72 11.39
C GLU A 163 -16.77 35.82 10.88
N GLY A 164 -17.54 36.75 11.46
CA GLY A 164 -18.95 36.91 11.13
C GLY A 164 -19.73 35.65 11.46
N GLU A 165 -20.29 35.02 10.44
CA GLU A 165 -21.02 33.77 10.61
C GLU A 165 -20.30 32.60 9.95
N GLU A 166 -19.01 32.80 9.65
CA GLU A 166 -18.22 31.82 8.91
C GLU A 166 -17.06 31.23 9.71
N LEU A 167 -16.79 29.95 9.46
CA LEU A 167 -15.56 29.31 9.90
C LEU A 167 -14.64 29.16 8.69
N ARG A 168 -13.35 29.44 8.90
CA ARG A 168 -12.38 29.47 7.82
C ARG A 168 -11.11 28.70 8.18
N THR A 169 -10.61 27.92 7.23
CA THR A 169 -9.34 27.22 7.39
C THR A 169 -8.30 27.80 6.44
N VAL A 170 -7.09 28.02 6.96
CA VAL A 170 -5.99 28.54 6.16
C VAL A 170 -4.74 27.71 6.40
N ALA A 171 -4.06 27.34 5.31
CA ALA A 171 -2.82 26.57 5.39
C ALA A 171 -1.81 27.04 4.36
N THR A 172 -0.54 27.11 4.77
CA THR A 172 0.54 27.58 3.89
C THR A 172 1.91 27.01 4.26
N ASP A 173 2.69 26.65 3.24
CA ASP A 173 4.07 26.23 3.43
C ASP A 173 5.05 27.29 2.91
N GLY A 174 4.50 28.46 2.55
CA GLY A 174 5.29 29.60 2.11
C GLY A 174 5.47 29.68 0.61
N HIS A 175 5.12 28.61 -0.09
CA HIS A 175 5.21 28.54 -1.54
C HIS A 175 3.82 28.49 -2.16
N ARG A 176 2.90 27.84 -1.45
CA ARG A 176 1.49 27.80 -1.82
C ARG A 176 0.60 27.95 -0.59
N LEU A 177 -0.55 28.61 -0.78
CA LEU A 177 -1.49 28.86 0.30
C LEU A 177 -2.90 28.40 -0.09
N ALA A 178 -3.67 27.97 0.89
CA ALA A 178 -5.04 27.52 0.66
C ALA A 178 -6.02 28.15 1.65
N VAL A 179 -7.13 28.68 1.13
CA VAL A 179 -8.18 29.27 1.96
C VAL A 179 -9.51 28.61 1.62
N CYS A 180 -10.34 28.41 2.65
CA CYS A 180 -11.71 27.94 2.46
C CYS A 180 -12.62 28.48 3.56
N SER A 181 -13.79 28.99 3.17
CA SER A 181 -14.75 29.56 4.10
C SER A 181 -16.12 28.91 3.94
N MET A 182 -16.75 28.61 5.07
CA MET A 182 -18.09 28.01 5.09
C MET A 182 -18.97 28.68 6.14
N PRO A 183 -20.21 29.04 5.76
CA PRO A 183 -21.16 29.63 6.72
C PRO A 183 -21.75 28.58 7.64
N ILE A 184 -21.79 28.86 8.95
CA ILE A 184 -22.33 27.89 9.92
C ILE A 184 -23.62 28.37 10.59
N GLY A 185 -24.12 29.53 10.18
CA GLY A 185 -25.41 30.04 10.64
C GLY A 185 -25.46 30.54 12.06
N GLN A 186 -24.29 30.86 12.62
CA GLN A 186 -24.18 31.38 13.98
C GLN A 186 -23.35 32.66 13.98
N SER A 187 -23.74 33.62 14.82
CA SER A 187 -22.97 34.85 15.00
C SER A 187 -21.74 34.55 15.85
N LEU A 188 -20.56 34.81 15.28
CA LEU A 188 -19.30 34.42 15.92
C LEU A 188 -18.41 35.62 16.26
N PRO A 189 -17.67 35.53 17.38
CA PRO A 189 -16.60 36.50 17.65
C PRO A 189 -15.41 36.25 16.74
N SER A 190 -14.65 37.30 16.43
CA SER A 190 -13.47 37.18 15.60
C SER A 190 -12.31 36.58 16.38
N HIS A 191 -11.81 35.43 15.93
CA HIS A 191 -10.78 34.70 16.63
C HIS A 191 -9.95 33.85 15.67
N SER A 192 -8.68 33.64 16.01
CA SER A 192 -7.79 32.80 15.21
C SER A 192 -6.90 31.95 16.09
N VAL A 193 -6.85 30.65 15.77
CA VAL A 193 -5.99 29.69 16.47
C VAL A 193 -5.28 28.76 15.48
N ILE A 194 -4.11 28.26 15.86
CA ILE A 194 -3.36 27.34 15.02
C ILE A 194 -3.41 25.93 15.61
N VAL A 195 -3.98 25.01 14.84
CA VAL A 195 -4.09 23.61 15.24
C VAL A 195 -2.94 22.83 14.58
N PRO A 196 -2.17 22.08 15.38
CA PRO A 196 -1.03 21.28 14.87
C PRO A 196 -1.47 20.29 13.81
N ARG A 197 -0.65 20.09 12.79
CA ARG A 197 -0.98 19.24 11.65
C ARG A 197 -1.38 17.81 12.04
N LYS A 198 -0.72 17.27 13.06
CA LYS A 198 -1.04 15.94 13.57
C LYS A 198 -2.47 15.89 14.14
N GLY A 199 -2.85 16.96 14.83
CA GLY A 199 -4.21 17.11 15.37
C GLY A 199 -5.25 17.41 14.31
N VAL A 200 -4.80 18.01 13.20
CA VAL A 200 -5.66 18.30 12.06
C VAL A 200 -6.10 17.01 11.37
N ILE A 201 -5.14 16.12 11.11
CA ILE A 201 -5.42 14.84 10.46
C ILE A 201 -6.28 13.94 11.36
N GLU A 202 -6.06 14.02 12.68
CA GLU A 202 -6.86 13.28 13.65
C GLU A 202 -8.32 13.73 13.69
N LEU A 203 -8.53 15.05 13.65
CA LEU A 203 -9.88 15.63 13.59
C LEU A 203 -10.62 15.19 12.32
N MET A 204 -9.87 15.01 11.25
CA MET A 204 -10.41 14.55 9.96
C MET A 204 -10.92 13.10 10.03
N ARG A 205 -10.17 12.23 10.70
CA ARG A 205 -10.51 10.80 10.78
C ARG A 205 -11.75 10.48 11.60
N MET A 206 -12.07 11.32 12.58
CA MET A 206 -13.21 11.08 13.47
C MET A 206 -14.56 11.56 12.91
N LEU A 207 -14.51 12.17 11.73
CA LEU A 207 -15.69 12.74 11.09
C LEU A 207 -16.40 11.77 10.17
N ASN A 212 -25.52 14.32 12.05
CA ASN A 212 -24.82 14.26 13.34
C ASN A 212 -23.82 15.41 13.46
N PRO A 213 -24.18 16.47 14.22
CA PRO A 213 -23.36 17.68 14.31
C PRO A 213 -22.10 17.50 15.15
N LEU A 214 -21.11 18.36 14.91
CA LEU A 214 -19.90 18.42 15.70
C LEU A 214 -19.91 19.68 16.54
N ARG A 215 -19.66 19.56 17.83
CA ARG A 215 -19.57 20.71 18.72
C ARG A 215 -18.10 21.01 19.03
N VAL A 216 -17.70 22.25 18.77
CA VAL A 216 -16.29 22.65 18.90
C VAL A 216 -16.10 23.66 20.02
N GLN A 217 -15.10 23.42 20.86
CA GLN A 217 -14.72 24.34 21.93
C GLN A 217 -13.29 24.81 21.72
N ILE A 218 -13.09 26.12 21.67
CA ILE A 218 -11.77 26.70 21.48
C ILE A 218 -11.40 27.56 22.68
N GLY A 219 -10.25 27.25 23.29
CA GLY A 219 -9.70 28.04 24.38
C GLY A 219 -8.43 28.76 23.98
N SER A 220 -7.76 29.35 24.98
CA SER A 220 -6.53 30.12 24.73
C SER A 220 -5.37 29.26 24.21
N ASN A 221 -5.24 28.04 24.72
CA ASN A 221 -4.16 27.15 24.33
C ASN A 221 -4.60 25.76 23.86
N ASN A 222 -5.91 25.53 23.83
CA ASN A 222 -6.45 24.22 23.46
C ASN A 222 -7.64 24.29 22.51
N ILE A 223 -7.86 23.19 21.79
CA ILE A 223 -9.06 23.03 20.96
C ILE A 223 -9.73 21.67 21.22
N ARG A 224 -11.03 21.70 21.44
CA ARG A 224 -11.80 20.49 21.70
C ARG A 224 -12.88 20.27 20.63
N ALA A 225 -13.16 19.00 20.35
CA ALA A 225 -14.20 18.61 19.41
C ALA A 225 -15.04 17.46 19.98
N HIS A 226 -16.35 17.64 19.98
CA HIS A 226 -17.30 16.61 20.40
C HIS A 226 -18.04 16.07 19.19
N VAL A 227 -17.85 14.80 18.87
CA VAL A 227 -18.69 14.13 17.87
C VAL A 227 -19.06 12.71 18.31
N GLY A 228 -20.36 12.46 18.37
CA GLY A 228 -20.88 11.18 18.85
C GLY A 228 -20.47 10.92 20.29
N ASP A 229 -19.76 9.82 20.51
CA ASP A 229 -19.28 9.46 21.84
C ASP A 229 -17.75 9.59 21.94
N PHE A 230 -17.17 10.33 21.02
CA PHE A 230 -15.73 10.61 21.01
C PHE A 230 -15.46 12.08 21.38
N ILE A 231 -14.38 12.31 22.12
CA ILE A 231 -13.95 13.67 22.45
C ILE A 231 -12.47 13.84 22.14
N PHE A 232 -12.16 14.76 21.21
CA PHE A 232 -10.80 15.05 20.80
C PHE A 232 -10.34 16.40 21.33
N THR A 233 -9.26 16.39 22.11
CA THR A 233 -8.66 17.60 22.64
C THR A 233 -7.21 17.70 22.16
N SER A 234 -6.83 18.86 21.68
CA SER A 234 -5.46 19.11 21.23
C SER A 234 -4.95 20.47 21.69
N LYS A 235 -3.67 20.54 22.01
CA LYS A 235 -2.98 21.80 22.26
C LYS A 235 -2.95 22.63 20.98
N LEU A 236 -2.79 23.94 21.13
CA LEU A 236 -2.63 24.83 19.98
C LEU A 236 -1.18 25.25 19.80
N VAL A 237 -0.80 25.54 18.56
CA VAL A 237 0.53 26.06 18.26
C VAL A 237 0.57 27.56 18.58
N ASP A 238 1.51 27.94 19.43
CA ASP A 238 1.66 29.34 19.86
C ASP A 238 2.60 30.09 18.93
N GLY A 239 2.01 30.83 17.99
CA GLY A 239 2.77 31.60 17.01
C GLY A 239 1.91 32.53 16.18
N ARG A 240 2.56 33.39 15.39
CA ARG A 240 1.86 34.36 14.54
C ARG A 240 1.72 33.86 13.10
N PHE A 241 0.47 33.64 12.68
CA PHE A 241 0.16 33.10 11.37
C PHE A 241 -0.03 34.19 10.32
N PRO A 242 0.55 34.01 9.12
CA PRO A 242 0.44 34.98 8.02
C PRO A 242 -0.99 35.26 7.60
N ASP A 243 -1.27 36.53 7.32
CA ASP A 243 -2.59 36.97 6.86
C ASP A 243 -2.79 36.57 5.40
N TYR A 244 -3.83 35.78 5.14
CA TYR A 244 -4.12 35.30 3.78
C TYR A 244 -4.54 36.43 2.86
N ARG A 245 -5.14 37.48 3.44
CA ARG A 245 -5.64 38.63 2.70
C ARG A 245 -4.53 39.39 1.97
N ARG A 246 -3.30 39.28 2.48
CA ARG A 246 -2.14 39.93 1.87
C ARG A 246 -1.33 38.97 1.00
N VAL A 247 -1.69 37.69 1.03
CA VAL A 247 -1.07 36.68 0.19
C VAL A 247 -1.76 36.62 -1.17
N LEU A 248 -3.08 36.84 -1.17
CA LEU A 248 -3.86 36.91 -2.41
C LEU A 248 -3.38 38.10 -3.25
N PRO A 249 -3.22 37.88 -4.57
CA PRO A 249 -2.78 38.94 -5.50
C PRO A 249 -3.71 40.14 -5.49
N LYS A 250 -3.12 41.34 -5.56
CA LYS A 250 -3.87 42.60 -5.47
C LYS A 250 -4.95 42.73 -6.54
N ASN A 251 -4.58 42.52 -7.80
CA ASN A 251 -5.53 42.46 -8.90
C ASN A 251 -5.03 41.56 -10.04
N PRO A 252 -5.50 40.29 -10.06
CA PRO A 252 -5.17 39.40 -11.16
C PRO A 252 -6.12 39.63 -12.35
N ASP A 253 -5.76 40.58 -13.20
CA ASP A 253 -6.60 41.02 -14.32
C ASP A 253 -6.74 39.97 -15.43
N LYS A 254 -5.74 39.10 -15.56
CA LYS A 254 -5.73 38.07 -16.59
C LYS A 254 -6.45 36.81 -16.10
N HIS A 255 -7.57 36.49 -16.74
CA HIS A 255 -8.42 35.38 -16.29
C HIS A 255 -8.48 34.23 -17.30
N LEU A 256 -7.97 33.07 -16.88
CA LEU A 256 -7.97 31.86 -17.68
C LEU A 256 -9.01 30.89 -17.11
N GLU A 257 -9.89 30.38 -17.97
CA GLU A 257 -10.86 29.37 -17.57
C GLU A 257 -10.64 28.06 -18.31
N ALA A 258 -10.40 27.00 -17.56
CA ALA A 258 -10.06 25.69 -18.12
C ALA A 258 -10.87 24.56 -17.50
N GLY A 259 -11.06 23.49 -18.26
CA GLY A 259 -11.66 22.26 -17.74
C GLY A 259 -10.73 21.64 -16.72
N CYS A 260 -11.27 21.34 -15.54
CA CYS A 260 -10.47 20.88 -14.40
C CYS A 260 -9.71 19.58 -14.66
N ASP A 261 -10.40 18.59 -15.19
CA ASP A 261 -9.81 17.27 -15.43
C ASP A 261 -8.81 17.29 -16.59
N LEU A 262 -9.15 17.99 -17.66
CA LEU A 262 -8.26 18.14 -18.81
C LEU A 262 -6.95 18.83 -18.41
N LEU A 263 -7.07 19.87 -17.58
CA LEU A 263 -5.90 20.58 -17.05
C LEU A 263 -5.04 19.67 -16.18
N LYS A 264 -5.70 18.82 -15.38
CA LYS A 264 -5.02 17.86 -14.50
C LYS A 264 -4.19 16.86 -15.29
N GLN A 265 -4.84 16.18 -16.23
CA GLN A 265 -4.20 15.13 -17.04
C GLN A 265 -3.08 15.68 -17.92
N ALA A 266 -3.25 16.91 -18.42
CA ALA A 266 -2.23 17.57 -19.23
C ALA A 266 -1.01 17.97 -18.42
N PHE A 267 -1.21 18.21 -17.12
CA PHE A 267 -0.13 18.49 -16.18
C PHE A 267 0.64 17.23 -15.82
N ALA A 268 -0.11 16.16 -15.51
CA ALA A 268 0.46 14.88 -15.10
C ALA A 268 1.26 14.20 -16.22
N ARG A 269 0.79 14.38 -17.45
CA ARG A 269 1.49 13.82 -18.62
C ARG A 269 2.76 14.58 -18.97
N ALA A 270 2.69 15.91 -18.93
CA ALA A 270 3.85 16.75 -19.21
C ALA A 270 4.96 16.57 -18.17
N ALA A 271 4.54 16.46 -16.90
CA ALA A 271 5.47 16.27 -15.78
C ALA A 271 6.40 15.07 -15.94
N ILE A 272 5.92 14.06 -16.68
CA ILE A 272 6.67 12.83 -16.96
C ILE A 272 8.05 13.13 -17.55
N LEU A 273 8.14 14.17 -18.37
CA LEU A 273 9.40 14.54 -19.02
C LEU A 273 10.05 15.81 -18.45
N SER A 274 9.62 16.22 -17.26
CA SER A 274 10.29 17.31 -16.54
C SER A 274 11.42 16.74 -15.68
N ASN A 275 12.14 17.61 -14.97
CA ASN A 275 13.22 17.18 -14.08
C ASN A 275 12.71 16.35 -12.91
N GLU A 276 13.37 15.22 -12.66
CA GLU A 276 12.96 14.27 -11.61
C GLU A 276 13.06 14.83 -10.19
N LYS A 277 13.99 15.77 -9.99
CA LYS A 277 14.22 16.35 -8.67
C LYS A 277 13.26 17.51 -8.36
N PHE A 278 13.08 18.40 -9.34
CA PHE A 278 12.14 19.52 -9.20
C PHE A 278 11.23 19.60 -10.44
N ARG A 279 10.09 18.93 -10.36
CA ARG A 279 9.17 18.77 -11.50
C ARG A 279 8.37 20.04 -11.77
N GLY A 280 8.68 20.68 -12.88
CA GLY A 280 7.98 21.89 -13.29
C GLY A 280 7.59 21.88 -14.76
N VAL A 281 6.49 22.55 -15.07
CA VAL A 281 6.05 22.73 -16.46
C VAL A 281 5.89 24.20 -16.81
N ARG A 282 6.20 24.54 -18.06
CA ARG A 282 6.03 25.89 -18.57
C ARG A 282 4.63 26.05 -19.19
N LEU A 283 3.99 27.18 -18.90
CA LEU A 283 2.66 27.50 -19.44
C LEU A 283 2.70 28.72 -20.35
N TYR A 284 2.35 28.51 -21.62
CA TYR A 284 2.20 29.59 -22.59
C TYR A 284 0.71 29.89 -22.77
N VAL A 285 0.27 31.05 -22.28
CA VAL A 285 -1.13 31.43 -22.42
C VAL A 285 -1.33 32.41 -23.58
N SER A 286 -2.28 32.09 -24.45
CA SER A 286 -2.69 32.98 -25.53
C SER A 286 -4.22 32.98 -25.60
N GLU A 287 -4.77 33.62 -26.62
CA GLU A 287 -6.22 33.69 -26.79
C GLU A 287 -6.82 32.29 -26.98
N ASN A 288 -7.63 31.88 -26.00
CA ASN A 288 -8.37 30.61 -26.03
C ASN A 288 -7.52 29.35 -26.26
N GLN A 289 -6.25 29.42 -25.85
CA GLN A 289 -5.33 28.29 -25.96
C GLN A 289 -4.30 28.32 -24.85
N LEU A 290 -4.04 27.15 -24.26
CA LEU A 290 -2.99 26.99 -23.26
C LEU A 290 -2.03 25.89 -23.68
N LYS A 291 -0.75 26.22 -23.70
CA LYS A 291 0.30 25.26 -24.04
C LYS A 291 1.11 24.92 -22.80
N ILE A 292 1.14 23.63 -22.47
CA ILE A 292 1.90 23.14 -21.33
C ILE A 292 3.10 22.35 -21.83
N THR A 293 4.30 22.86 -21.53
CA THR A 293 5.54 22.24 -22.00
C THR A 293 6.45 21.83 -20.84
N ALA A 294 7.25 20.80 -21.08
CA ALA A 294 8.22 20.33 -20.10
C ALA A 294 9.43 19.70 -20.78
N ASN A 295 10.58 19.79 -20.12
CA ASN A 295 11.81 19.13 -20.57
C ASN A 295 12.77 18.77 -19.44
N ASN A 296 13.72 17.89 -19.74
CA ASN A 296 14.65 17.37 -18.74
C ASN A 296 16.12 17.37 -19.22
N PRO A 297 17.07 17.01 -18.34
CA PRO A 297 18.49 16.93 -18.73
C PRO A 297 18.80 15.90 -19.83
N GLU A 298 17.89 14.98 -20.09
CA GLU A 298 18.05 14.01 -21.18
C GLU A 298 17.59 14.56 -22.54
N GLN A 299 17.33 15.88 -22.59
CA GLN A 299 16.88 16.57 -23.80
C GLN A 299 15.47 16.12 -24.28
N GLU A 300 14.74 15.42 -23.40
CA GLU A 300 13.40 14.95 -23.70
C GLU A 300 12.37 16.07 -23.50
N GLU A 301 11.35 16.10 -24.35
CA GLU A 301 10.36 17.18 -24.33
C GLU A 301 8.90 16.71 -24.39
N ALA A 302 8.04 17.39 -23.65
CA ALA A 302 6.60 17.15 -23.66
C ALA A 302 5.86 18.45 -23.97
N GLU A 303 4.75 18.34 -24.71
CA GLU A 303 3.90 19.49 -25.02
C GLU A 303 2.42 19.12 -25.03
N GLU A 304 1.63 19.92 -24.30
CA GLU A 304 0.18 19.71 -24.20
C GLU A 304 -0.57 20.99 -24.57
N ILE A 305 -1.32 20.94 -25.66
CA ILE A 305 -2.16 22.06 -26.08
C ILE A 305 -3.59 21.87 -25.56
N LEU A 306 -4.17 22.94 -25.04
CA LEU A 306 -5.51 22.91 -24.45
C LEU A 306 -6.38 24.05 -24.95
N ASP A 307 -7.64 23.74 -25.26
CA ASP A 307 -8.64 24.77 -25.53
C ASP A 307 -9.13 25.34 -24.20
N VAL A 308 -9.01 26.66 -24.07
CA VAL A 308 -9.41 27.36 -22.83
C VAL A 308 -10.17 28.65 -23.16
N THR A 309 -10.42 29.47 -22.12
CA THR A 309 -11.01 30.78 -22.31
C THR A 309 -10.13 31.81 -21.60
N TYR A 310 -9.54 32.72 -22.38
CA TYR A 310 -8.57 33.68 -21.83
C TYR A 310 -8.78 35.13 -22.27
N SER A 311 -8.43 35.44 -23.52
CA SER A 311 -8.62 36.78 -24.13
C SER A 311 -7.58 37.86 -23.76
N GLY A 312 -6.92 37.72 -22.62
CA GLY A 312 -5.92 38.69 -22.18
C GLY A 312 -4.61 38.64 -22.94
N ALA A 313 -3.57 39.25 -22.37
CA ALA A 313 -2.25 39.32 -23.00
C ALA A 313 -1.45 38.01 -22.86
N GLU A 314 -0.65 37.71 -23.88
CA GLU A 314 0.19 36.51 -23.89
C GLU A 314 1.34 36.62 -22.88
N MET A 315 1.58 35.52 -22.16
CA MET A 315 2.69 35.44 -21.19
C MET A 315 3.18 34.01 -21.00
N GLU A 316 4.38 33.87 -20.46
CA GLU A 316 4.95 32.57 -20.12
C GLU A 316 5.22 32.48 -18.63
N ILE A 317 4.75 31.40 -18.01
CA ILE A 317 4.84 31.22 -16.57
C ILE A 317 5.00 29.75 -16.21
N GLY A 318 6.00 29.45 -15.39
CA GLY A 318 6.24 28.09 -14.92
C GLY A 318 5.60 27.82 -13.59
N PHE A 319 5.23 26.56 -13.36
CA PHE A 319 4.67 26.12 -12.09
C PHE A 319 5.23 24.77 -11.65
N ASN A 320 5.31 24.58 -10.34
CA ASN A 320 5.57 23.28 -9.75
C ASN A 320 4.36 22.39 -10.03
N VAL A 321 4.61 21.21 -10.57
CA VAL A 321 3.53 20.31 -10.96
C VAL A 321 2.72 19.82 -9.76
N SER A 322 3.41 19.44 -8.68
CA SER A 322 2.75 18.91 -7.49
C SER A 322 1.83 19.92 -6.81
N TYR A 323 2.23 21.19 -6.79
CA TYR A 323 1.42 22.26 -6.20
C TYR A 323 0.09 22.45 -6.95
N VAL A 324 0.16 22.45 -8.29
CA VAL A 324 -1.04 22.64 -9.11
C VAL A 324 -1.96 21.43 -9.03
N LEU A 325 -1.40 20.23 -9.20
CA LEU A 325 -2.17 18.99 -9.11
C LEU A 325 -2.89 18.85 -7.76
N ASP A 326 -2.21 19.24 -6.68
CA ASP A 326 -2.81 19.27 -5.34
C ASP A 326 -4.09 20.11 -5.31
N VAL A 327 -4.03 21.28 -5.93
CA VAL A 327 -5.16 22.22 -6.01
C VAL A 327 -6.32 21.63 -6.83
N LEU A 328 -6.00 21.07 -7.99
CA LEU A 328 -7.01 20.51 -8.89
C LEU A 328 -7.66 19.25 -8.32
N ASN A 329 -6.91 18.49 -7.53
CA ASN A 329 -7.45 17.32 -6.83
C ASN A 329 -8.42 17.69 -5.71
N ALA A 330 -8.16 18.82 -5.06
CA ALA A 330 -9.04 19.35 -4.02
C ALA A 330 -10.33 19.91 -4.61
N LEU A 331 -10.20 20.58 -5.76
CA LEU A 331 -11.33 21.24 -6.41
C LEU A 331 -12.46 20.29 -6.84
N LYS A 332 -12.09 19.17 -7.45
CA LYS A 332 -13.04 18.15 -7.91
C LYS A 332 -14.28 18.78 -8.55
N CYS A 333 -14.05 19.63 -9.55
CA CYS A 333 -15.12 20.38 -10.20
C CYS A 333 -15.07 20.25 -11.72
N GLU A 334 -16.00 20.93 -12.39
CA GLU A 334 -16.03 20.95 -13.86
C GLU A 334 -15.00 21.91 -14.45
N ASN A 335 -15.10 23.18 -14.06
CA ASN A 335 -14.22 24.22 -14.59
C ASN A 335 -13.39 24.96 -13.54
N VAL A 336 -12.13 25.20 -13.88
CA VAL A 336 -11.18 25.88 -13.00
C VAL A 336 -10.87 27.27 -13.55
N ARG A 337 -10.82 28.25 -12.66
CA ARG A 337 -10.47 29.62 -13.02
C ARG A 337 -9.11 30.02 -12.45
N MET A 338 -8.15 30.23 -13.35
CA MET A 338 -6.79 30.64 -13.00
CA MET A 338 -6.82 30.67 -12.93
C MET A 338 -6.60 32.16 -13.23
N MET A 339 -6.47 32.91 -12.13
CA MET A 339 -6.35 34.37 -12.17
C MET A 339 -4.87 34.78 -12.14
N LEU A 340 -4.39 35.31 -13.27
CA LEU A 340 -2.99 35.63 -13.47
C LEU A 340 -2.73 37.13 -13.42
N THR A 341 -1.48 37.51 -13.14
CA THR A 341 -1.07 38.91 -13.14
C THR A 341 0.03 39.15 -14.17
N ASP A 342 1.22 38.60 -13.90
CA ASP A 342 2.33 38.61 -14.85
C ASP A 342 3.22 37.38 -14.68
N SER A 343 4.37 37.38 -15.35
CA SER A 343 5.27 36.22 -15.39
C SER A 343 6.02 35.95 -14.10
N VAL A 344 6.07 36.93 -13.20
CA VAL A 344 6.85 36.82 -11.96
C VAL A 344 5.99 36.87 -10.68
N SER A 345 4.67 36.92 -10.84
CA SER A 345 3.76 37.06 -9.71
C SER A 345 3.00 35.78 -9.41
N SER A 346 2.45 35.71 -8.19
CA SER A 346 1.65 34.58 -7.75
C SER A 346 0.32 34.50 -8.49
N VAL A 347 -0.27 33.31 -8.50
CA VAL A 347 -1.49 33.06 -9.25
C VAL A 347 -2.58 32.48 -8.35
N GLN A 348 -3.79 33.03 -8.46
CA GLN A 348 -4.93 32.55 -7.70
C GLN A 348 -5.71 31.52 -8.51
N ILE A 349 -5.99 30.37 -7.90
CA ILE A 349 -6.78 29.32 -8.54
C ILE A 349 -8.05 29.09 -7.74
N GLU A 350 -9.17 29.03 -8.45
CA GLU A 350 -10.49 28.83 -7.85
C GLU A 350 -11.35 27.94 -8.74
N ASP A 351 -12.43 27.42 -8.16
CA ASP A 351 -13.51 26.81 -8.93
C ASP A 351 -14.26 27.93 -9.63
N ALA A 352 -14.69 27.68 -10.87
CA ALA A 352 -15.36 28.70 -11.68
C ALA A 352 -16.77 29.04 -11.19
N ALA A 353 -17.39 28.10 -10.48
CA ALA A 353 -18.78 28.26 -10.02
C ALA A 353 -18.92 28.65 -8.55
N SER A 354 -17.82 28.51 -7.79
CA SER A 354 -17.84 28.81 -6.35
C SER A 354 -16.65 29.68 -5.93
N GLN A 355 -16.87 30.50 -4.91
CA GLN A 355 -15.82 31.33 -4.34
C GLN A 355 -15.37 30.85 -2.94
N SER A 356 -15.96 29.74 -2.50
CA SER A 356 -15.69 29.16 -1.17
C SER A 356 -14.21 28.90 -0.90
N ALA A 357 -13.50 28.40 -1.91
CA ALA A 357 -12.09 28.04 -1.76
C ALA A 357 -11.18 28.82 -2.72
N ALA A 358 -10.06 29.30 -2.18
CA ALA A 358 -9.05 30.01 -2.98
C ALA A 358 -7.67 29.44 -2.75
N TYR A 359 -6.88 29.39 -3.81
CA TYR A 359 -5.54 28.80 -3.77
C TYR A 359 -4.52 29.72 -4.42
N VAL A 360 -3.40 29.94 -3.75
CA VAL A 360 -2.34 30.80 -4.27
C VAL A 360 -1.04 30.01 -4.40
N VAL A 361 -0.50 29.99 -5.62
CA VAL A 361 0.75 29.28 -5.91
C VAL A 361 1.81 30.23 -6.45
N MET A 362 3.01 30.15 -5.90
CA MET A 362 4.16 30.89 -6.40
C MET A 362 4.54 30.43 -7.81
N PRO A 363 5.05 31.35 -8.64
CA PRO A 363 5.60 30.93 -9.93
C PRO A 363 6.92 30.18 -9.76
N MET A 364 7.18 29.23 -10.64
CA MET A 364 8.42 28.46 -10.63
C MET A 364 9.25 28.79 -11.86
N ARG A 365 10.56 28.91 -11.67
CA ARG A 365 11.48 29.22 -12.75
C ARG A 365 12.07 27.97 -13.40
N LEU A 366 11.91 27.89 -14.72
CA LEU A 366 12.43 26.77 -15.52
C LEU A 366 13.26 27.24 -16.70
N MET B 1 11.28 3.35 -38.24
CA MET B 1 10.23 2.67 -37.42
C MET B 1 9.03 3.59 -37.21
N LYS B 2 7.84 3.06 -37.48
CA LYS B 2 6.59 3.81 -37.34
C LYS B 2 5.42 2.88 -37.06
N PHE B 3 4.59 3.26 -36.09
CA PHE B 3 3.34 2.55 -35.79
C PHE B 3 2.34 3.44 -35.07
N THR B 4 1.05 3.14 -35.26
CA THR B 4 -0.03 3.79 -34.51
C THR B 4 -0.90 2.72 -33.87
N VAL B 5 -0.95 2.72 -32.54
CA VAL B 5 -1.73 1.74 -31.79
C VAL B 5 -2.68 2.43 -30.81
N GLU B 6 -3.87 1.86 -30.64
CA GLU B 6 -4.82 2.32 -29.62
C GLU B 6 -4.26 2.05 -28.22
N ARG B 7 -4.48 2.99 -27.31
CA ARG B 7 -3.91 2.96 -25.95
C ARG B 7 -3.98 1.60 -25.25
N GLU B 8 -5.17 1.00 -25.21
CA GLU B 8 -5.42 -0.20 -24.42
C GLU B 8 -4.78 -1.46 -24.96
N HIS B 9 -4.41 -1.43 -26.25
CA HIS B 9 -3.72 -2.55 -26.88
C HIS B 9 -2.22 -2.52 -26.58
N LEU B 10 -1.75 -1.36 -26.11
CA LEU B 10 -0.34 -1.14 -25.84
C LEU B 10 -0.04 -1.13 -24.34
N LEU B 11 -1.06 -0.83 -23.54
CA LEU B 11 -0.89 -0.59 -22.10
C LEU B 11 -0.45 -1.83 -21.30
N LYS B 12 -1.23 -2.91 -21.38
CA LYS B 12 -0.93 -4.14 -20.65
C LYS B 12 0.39 -4.79 -21.10
N PRO B 13 0.62 -4.91 -22.44
CA PRO B 13 1.92 -5.39 -22.93
C PRO B 13 3.10 -4.59 -22.40
N LEU B 14 2.96 -3.26 -22.32
CA LEU B 14 4.01 -2.40 -21.76
C LEU B 14 4.29 -2.71 -20.30
N GLN B 15 3.24 -2.97 -19.53
CA GLN B 15 3.37 -3.31 -18.10
C GLN B 15 4.07 -4.66 -17.92
N GLN B 16 3.72 -5.63 -18.77
CA GLN B 16 4.31 -6.96 -18.72
C GLN B 16 5.82 -6.95 -18.99
N VAL B 17 6.22 -6.31 -20.08
CA VAL B 17 7.64 -6.29 -20.48
C VAL B 17 8.52 -5.47 -19.54
N SER B 18 7.90 -4.53 -18.82
CA SER B 18 8.60 -3.69 -17.85
C SER B 18 8.85 -4.42 -16.53
N GLY B 19 8.18 -5.54 -16.34
CA GLY B 19 8.32 -6.37 -15.13
C GLY B 19 9.72 -6.56 -14.59
N PRO B 20 10.62 -7.17 -15.38
CA PRO B 20 12.00 -7.47 -14.95
C PRO B 20 12.89 -6.25 -14.70
N LEU B 21 12.37 -5.06 -14.94
CA LEU B 21 13.11 -3.81 -14.74
C LEU B 21 12.90 -3.25 -13.34
N GLY B 23 14.15 -1.26 -10.46
CA GLY B 23 14.13 -0.07 -9.63
C GLY B 23 15.14 0.95 -10.09
N ARG B 24 16.42 0.67 -9.85
CA ARG B 24 17.52 1.54 -10.28
C ARG B 24 18.44 0.82 -11.27
N PRO B 25 18.24 1.05 -12.58
CA PRO B 25 19.09 0.42 -13.59
C PRO B 25 20.55 0.83 -13.45
N THR B 26 21.44 -0.16 -13.40
CA THR B 26 22.87 0.08 -13.26
C THR B 26 23.45 0.79 -14.49
N LEU B 27 22.99 0.37 -15.67
CA LEU B 27 23.35 1.03 -16.94
C LEU B 27 22.10 1.48 -17.68
N PRO B 28 22.18 2.63 -18.39
CA PRO B 28 21.02 3.27 -19.04
C PRO B 28 20.14 2.35 -19.90
N ILE B 29 20.75 1.43 -20.64
CA ILE B 29 20.03 0.57 -21.58
C ILE B 29 19.15 -0.48 -20.89
N LEU B 30 19.48 -0.79 -19.64
CA LEU B 30 18.71 -1.74 -18.84
C LEU B 30 17.38 -1.15 -18.37
N GLY B 31 17.30 0.19 -18.39
CA GLY B 31 16.06 0.89 -18.08
C GLY B 31 15.19 1.12 -19.31
N ASN B 32 15.63 0.56 -20.44
CA ASN B 32 14.95 0.74 -21.71
C ASN B 32 14.22 -0.52 -22.19
N LEU B 33 13.16 -0.32 -22.97
CA LEU B 33 12.49 -1.42 -23.66
C LEU B 33 12.89 -1.42 -25.13
N LEU B 34 13.16 -2.62 -25.65
CA LEU B 34 13.41 -2.79 -27.08
C LEU B 34 12.10 -2.82 -27.85
N LEU B 35 11.98 -1.94 -28.84
CA LEU B 35 10.81 -1.91 -29.73
C LEU B 35 11.21 -2.33 -31.12
N GLN B 36 10.43 -3.23 -31.71
CA GLN B 36 10.70 -3.75 -33.06
C GLN B 36 9.41 -3.85 -33.86
N VAL B 37 9.40 -3.25 -35.05
CA VAL B 37 8.30 -3.43 -36.00
C VAL B 37 8.79 -4.29 -37.16
N ALA B 38 8.19 -5.49 -37.28
CA ALA B 38 8.56 -6.44 -38.32
C ALA B 38 7.39 -7.37 -38.62
N ASP B 39 7.15 -7.59 -39.92
CA ASP B 39 6.05 -8.45 -40.39
C ASP B 39 4.68 -8.10 -39.77
N GLY B 40 4.36 -6.80 -39.77
CA GLY B 40 3.09 -6.32 -39.24
C GLY B 40 2.88 -6.51 -37.75
N THR B 41 3.98 -6.65 -37.02
CA THR B 41 3.93 -6.95 -35.59
C THR B 41 4.89 -6.04 -34.81
N LEU B 42 4.41 -5.53 -33.69
CA LEU B 42 5.27 -4.79 -32.76
C LEU B 42 5.71 -5.69 -31.63
N SER B 43 7.01 -5.98 -31.60
CA SER B 43 7.60 -6.73 -30.50
C SER B 43 8.18 -5.77 -29.46
N LEU B 44 7.86 -6.01 -28.20
CA LEU B 44 8.43 -5.25 -27.10
C LEU B 44 9.18 -6.20 -26.15
N THR B 45 10.34 -5.76 -25.68
CA THR B 45 11.20 -6.61 -24.84
C THR B 45 11.81 -5.83 -23.67
N GLY B 46 11.72 -6.41 -22.48
CA GLY B 46 12.39 -5.89 -21.29
C GLY B 46 13.27 -6.96 -20.67
N THR B 47 14.46 -6.56 -20.21
CA THR B 47 15.45 -7.51 -19.71
C THR B 47 16.25 -7.00 -18.50
N ASP B 48 16.86 -7.94 -17.79
CA ASP B 48 17.79 -7.61 -16.71
C ASP B 48 19.07 -8.45 -16.81
N LEU B 49 19.34 -8.95 -18.02
CA LEU B 49 20.50 -9.80 -18.35
C LEU B 49 20.33 -11.28 -17.96
N GLU B 50 19.44 -11.54 -16.99
CA GLU B 50 19.16 -12.90 -16.54
C GLU B 50 17.85 -13.43 -17.16
N MET B 51 16.90 -12.53 -17.39
CA MET B 51 15.61 -12.91 -17.95
C MET B 51 15.04 -11.88 -18.93
N GLU B 52 14.16 -12.35 -19.81
CA GLU B 52 13.51 -11.50 -20.79
C GLU B 52 12.00 -11.70 -20.78
N MET B 53 11.27 -10.61 -20.94
CA MET B 53 9.83 -10.67 -21.15
C MET B 53 9.51 -10.04 -22.50
N VAL B 54 8.89 -10.83 -23.37
CA VAL B 54 8.57 -10.39 -24.73
C VAL B 54 7.06 -10.34 -24.94
N ALA B 55 6.59 -9.25 -25.55
CA ALA B 55 5.19 -9.09 -25.92
C ALA B 55 5.08 -8.78 -27.40
N ARG B 56 4.17 -9.47 -28.08
CA ARG B 56 3.93 -9.24 -29.50
C ARG B 56 2.55 -8.62 -29.70
N VAL B 57 2.53 -7.51 -30.43
CA VAL B 57 1.31 -6.71 -30.62
C VAL B 57 1.01 -6.58 -32.11
N ALA B 58 -0.16 -7.06 -32.52
CA ALA B 58 -0.60 -6.96 -33.91
C ALA B 58 -0.89 -5.51 -34.30
N LEU B 59 -0.61 -5.17 -35.56
CA LEU B 59 -0.79 -3.81 -36.06
C LEU B 59 -1.85 -3.72 -37.16
N VAL B 60 -3.00 -3.14 -36.81
CA VAL B 60 -4.12 -2.97 -37.74
C VAL B 60 -4.05 -1.65 -38.49
N GLN B 61 -3.10 -0.80 -38.13
CA GLN B 61 -2.94 0.52 -38.72
C GLN B 61 -1.65 0.56 -39.55
N PRO B 62 -1.51 1.55 -40.45
CA PRO B 62 -0.28 1.68 -41.25
C PRO B 62 0.98 1.70 -40.37
N HIS B 63 2.04 1.05 -40.85
CA HIS B 63 3.27 0.88 -40.06
C HIS B 63 4.51 0.74 -40.94
N GLU B 64 5.67 1.05 -40.34
CA GLU B 64 6.95 0.94 -41.04
CA GLU B 64 6.97 0.96 -41.04
C GLU B 64 7.98 0.18 -40.19
N PRO B 65 8.71 -0.78 -40.81
CA PRO B 65 9.68 -1.59 -40.05
C PRO B 65 10.82 -0.80 -39.39
N GLY B 66 11.39 -1.36 -38.32
CA GLY B 66 12.52 -0.75 -37.64
C GLY B 66 12.61 -1.09 -36.16
N ALA B 67 13.70 -0.69 -35.52
CA ALA B 67 13.92 -0.95 -34.10
C ALA B 67 14.69 0.14 -33.36
N THR B 68 14.32 0.34 -32.10
CA THR B 68 14.91 1.33 -31.20
C THR B 68 14.63 0.94 -29.75
N THR B 69 15.32 1.58 -28.81
CA THR B 69 15.03 1.40 -27.39
C THR B 69 14.66 2.73 -26.75
N VAL B 70 13.67 2.71 -25.87
CA VAL B 70 13.23 3.90 -25.14
C VAL B 70 13.03 3.60 -23.64
N PRO B 71 13.11 4.63 -22.78
CA PRO B 71 12.87 4.43 -21.34
C PRO B 71 11.51 3.77 -21.08
N ALA B 72 11.54 2.69 -20.31
CA ALA B 72 10.35 1.89 -20.02
C ALA B 72 9.30 2.67 -19.23
N ARG B 73 9.71 3.21 -18.09
CA ARG B 73 8.82 3.92 -17.19
C ARG B 73 8.21 5.16 -17.83
N LYS B 74 9.04 5.93 -18.55
CA LYS B 74 8.59 7.14 -19.24
C LYS B 74 7.56 6.84 -20.32
N PHE B 75 7.82 5.81 -21.13
CA PHE B 75 6.91 5.42 -22.22
C PHE B 75 5.61 4.82 -21.70
N PHE B 76 5.70 4.06 -20.61
CA PHE B 76 4.52 3.48 -19.96
C PHE B 76 3.63 4.57 -19.35
N ASP B 77 4.26 5.51 -18.64
CA ASP B 77 3.55 6.61 -17.98
C ASP B 77 2.80 7.50 -18.97
N ILE B 78 3.40 7.75 -20.13
CA ILE B 78 2.79 8.57 -21.17
C ILE B 78 1.51 7.91 -21.70
N CYS B 79 1.61 6.63 -22.06
CA CYS B 79 0.48 5.86 -22.58
C CYS B 79 -0.66 5.73 -21.57
N ARG B 80 -0.31 5.42 -20.32
CA ARG B 80 -1.27 5.34 -19.22
C ARG B 80 -1.95 6.67 -18.95
N GLY B 81 -1.17 7.76 -19.05
CA GLY B 81 -1.68 9.11 -18.82
C GLY B 81 -2.64 9.61 -19.88
N LEU B 82 -2.49 9.10 -21.10
CA LEU B 82 -3.37 9.45 -22.21
C LEU B 82 -4.79 8.94 -21.97
N PRO B 83 -5.80 9.66 -22.49
CA PRO B 83 -7.20 9.30 -22.27
C PRO B 83 -7.58 7.96 -22.89
N GLU B 84 -8.66 7.35 -22.41
CA GLU B 84 -9.13 6.07 -22.92
C GLU B 84 -9.51 6.16 -24.39
N GLY B 85 -8.98 5.22 -25.17
CA GLY B 85 -9.23 5.16 -26.61
C GLY B 85 -8.34 6.07 -27.44
N ALA B 86 -7.34 6.65 -26.78
CA ALA B 86 -6.37 7.53 -27.46
C ALA B 86 -5.57 6.76 -28.50
N GLU B 87 -5.44 7.34 -29.68
CA GLU B 87 -4.62 6.76 -30.74
C GLU B 87 -3.19 7.23 -30.55
N ILE B 88 -2.28 6.29 -30.33
CA ILE B 88 -0.88 6.61 -30.02
C ILE B 88 0.04 6.40 -31.23
N ALA B 89 0.33 7.50 -31.93
CA ALA B 89 1.22 7.48 -33.09
C ALA B 89 2.68 7.61 -32.66
N VAL B 90 3.50 6.64 -33.07
CA VAL B 90 4.91 6.59 -32.68
C VAL B 90 5.80 6.51 -33.92
N GLN B 91 6.82 7.37 -33.99
CA GLN B 91 7.79 7.33 -35.06
C GLN B 91 9.22 7.59 -34.56
N LEU B 92 10.14 6.76 -35.03
CA LEU B 92 11.56 6.92 -34.73
C LEU B 92 12.16 8.02 -35.59
N GLU B 93 12.82 8.99 -34.94
CA GLU B 93 13.43 10.11 -35.65
C GLU B 93 14.89 10.32 -35.23
N GLY B 94 15.73 9.35 -35.57
CA GLY B 94 17.16 9.39 -35.26
C GLY B 94 17.47 9.17 -33.79
N GLU B 95 17.85 10.24 -33.11
CA GLU B 95 18.24 10.19 -31.70
C GLU B 95 17.04 10.20 -30.75
N ARG B 96 15.88 10.57 -31.26
CA ARG B 96 14.66 10.65 -30.46
C ARG B 96 13.51 9.84 -31.07
N MET B 97 12.63 9.33 -30.21
CA MET B 97 11.39 8.71 -30.66
C MET B 97 10.23 9.62 -30.27
N LEU B 98 9.46 10.04 -31.27
CA LEU B 98 8.35 10.97 -31.06
C LEU B 98 7.02 10.24 -30.87
N VAL B 99 6.31 10.62 -29.82
CA VAL B 99 5.01 10.05 -29.50
C VAL B 99 3.93 11.13 -29.62
N ARG B 100 2.93 10.86 -30.46
CA ARG B 100 1.83 11.78 -30.70
C ARG B 100 0.49 11.13 -30.40
N SER B 101 -0.42 11.92 -29.83
CA SER B 101 -1.77 11.49 -29.53
C SER B 101 -2.60 12.75 -29.31
N GLY B 102 -3.63 12.95 -30.13
CA GLY B 102 -4.38 14.19 -30.13
C GLY B 102 -3.43 15.36 -30.35
N ARG B 103 -3.46 16.32 -29.44
CA ARG B 103 -2.48 17.41 -29.43
C ARG B 103 -1.50 17.27 -28.26
N SER B 104 -1.22 16.01 -27.88
CA SER B 104 -0.18 15.69 -26.91
C SER B 104 1.07 15.25 -27.65
N ARG B 105 2.20 15.88 -27.32
CA ARG B 105 3.46 15.59 -27.97
C ARG B 105 4.52 15.17 -26.96
N PHE B 106 5.23 14.09 -27.27
CA PHE B 106 6.26 13.56 -26.38
C PHE B 106 7.49 13.12 -27.15
N SER B 107 8.65 13.53 -26.65
CA SER B 107 9.92 13.20 -27.28
C SER B 107 10.78 12.43 -26.28
N LEU B 108 11.20 11.23 -26.67
CA LEU B 108 11.96 10.35 -25.80
C LEU B 108 13.37 10.10 -26.31
N SER B 109 14.31 9.96 -25.38
CA SER B 109 15.70 9.64 -25.71
C SER B 109 15.83 8.17 -26.10
N THR B 110 16.63 7.91 -27.13
CA THR B 110 16.80 6.55 -27.64
C THR B 110 18.23 6.03 -27.48
N LEU B 111 18.36 4.72 -27.39
CA LEU B 111 19.64 4.03 -27.49
C LEU B 111 19.51 2.96 -28.56
N PRO B 112 20.59 2.73 -29.34
CA PRO B 112 20.55 1.78 -30.45
C PRO B 112 20.02 0.40 -30.07
N ALA B 113 19.15 -0.15 -30.92
CA ALA B 113 18.61 -1.50 -30.76
C ALA B 113 19.73 -2.56 -30.84
N ALA B 114 20.78 -2.24 -31.58
CA ALA B 114 21.94 -3.11 -31.73
C ALA B 114 22.69 -3.30 -30.40
N ASP B 115 22.52 -2.34 -29.48
CA ASP B 115 23.19 -2.37 -28.19
C ASP B 115 22.36 -3.08 -27.10
N PHE B 116 21.09 -3.32 -27.41
CA PHE B 116 20.17 -3.99 -26.48
C PHE B 116 20.59 -5.44 -26.22
N PRO B 117 20.71 -5.82 -24.94
CA PRO B 117 21.12 -7.16 -24.52
C PRO B 117 20.27 -8.26 -25.14
N ASN B 118 20.94 -9.29 -25.65
CA ASN B 118 20.28 -10.39 -26.35
C ASN B 118 20.68 -11.72 -25.73
N LEU B 119 19.76 -12.34 -25.00
CA LEU B 119 19.98 -13.67 -24.43
C LEU B 119 20.24 -14.68 -25.52
N ASP B 120 21.35 -15.40 -25.39
CA ASP B 120 21.79 -16.38 -26.40
C ASP B 120 20.74 -17.45 -26.65
N ASP B 121 20.69 -17.93 -27.90
CA ASP B 121 19.81 -19.03 -28.26
C ASP B 121 20.17 -20.29 -27.47
N TRP B 122 19.17 -21.13 -27.24
CA TRP B 122 19.36 -22.37 -26.49
C TRP B 122 18.43 -23.44 -27.02
N GLN B 123 18.83 -24.69 -26.84
CA GLN B 123 18.08 -25.83 -27.34
C GLN B 123 17.19 -26.41 -26.25
N SER B 124 15.90 -26.55 -26.57
CA SER B 124 14.93 -27.13 -25.65
C SER B 124 15.14 -28.64 -25.50
N GLU B 125 14.92 -29.14 -24.30
CA GLU B 125 15.13 -30.57 -24.01
C GLU B 125 13.88 -31.28 -23.52
N VAL B 126 12.96 -30.51 -22.92
CA VAL B 126 11.66 -31.04 -22.48
C VAL B 126 10.56 -29.98 -22.68
N GLU B 127 9.41 -30.44 -23.18
CA GLU B 127 8.29 -29.57 -23.47
C GLU B 127 6.97 -30.18 -23.02
N PHE B 128 6.11 -29.34 -22.47
CA PHE B 128 4.78 -29.74 -22.02
C PHE B 128 3.83 -28.55 -21.95
N THR B 129 2.54 -28.83 -22.05
CA THR B 129 1.51 -27.81 -21.88
C THR B 129 0.69 -28.12 -20.63
N LEU B 130 0.33 -27.07 -19.91
CA LEU B 130 -0.50 -27.21 -18.70
C LEU B 130 -1.40 -25.98 -18.53
N PRO B 131 -2.49 -26.13 -17.75
CA PRO B 131 -3.36 -24.97 -17.47
C PRO B 131 -2.65 -23.90 -16.63
N GLN B 132 -3.04 -22.64 -16.83
CA GLN B 132 -2.53 -21.51 -16.06
C GLN B 132 -2.80 -21.69 -14.56
N ALA B 133 -3.98 -22.22 -14.24
CA ALA B 133 -4.38 -22.47 -12.85
C ALA B 133 -3.44 -23.45 -12.15
N THR B 134 -2.99 -24.46 -12.88
CA THR B 134 -2.06 -25.46 -12.36
C THR B 134 -0.72 -24.82 -11.97
N MET B 135 -0.20 -23.96 -12.84
CA MET B 135 1.04 -23.23 -12.59
C MET B 135 0.91 -22.26 -11.42
N LYS B 136 -0.23 -21.57 -11.34
CA LYS B 136 -0.54 -20.66 -10.25
C LYS B 136 -0.53 -21.40 -8.91
N ARG B 137 -1.23 -22.54 -8.87
CA ARG B 137 -1.28 -23.40 -7.69
C ARG B 137 0.12 -23.84 -7.23
N LEU B 138 0.95 -24.29 -8.17
CA LEU B 138 2.30 -24.76 -7.88
C LEU B 138 3.20 -23.67 -7.29
N ILE B 139 3.09 -22.46 -7.83
CA ILE B 139 3.91 -21.33 -7.37
C ILE B 139 3.44 -20.80 -6.01
N GLU B 140 2.14 -20.54 -5.89
CA GLU B 140 1.56 -19.98 -4.65
C GLU B 140 1.71 -20.89 -3.43
N ALA B 141 1.81 -22.19 -3.68
CA ALA B 141 1.95 -23.17 -2.60
C ALA B 141 3.35 -23.15 -1.97
N THR B 142 4.36 -22.75 -2.76
CA THR B 142 5.75 -22.86 -2.32
C THR B 142 6.55 -21.55 -2.27
N GLN B 143 6.09 -20.53 -3.01
CA GLN B 143 6.80 -19.25 -3.14
C GLN B 143 7.30 -18.62 -1.83
N PHE B 144 6.47 -18.66 -0.79
CA PHE B 144 6.78 -18.02 0.50
C PHE B 144 7.99 -18.63 1.22
N SER B 145 8.27 -19.90 0.94
CA SER B 145 9.36 -20.62 1.61
C SER B 145 10.76 -20.32 1.05
N MET B 146 10.82 -19.58 -0.04
CA MET B 146 12.08 -19.19 -0.66
C MET B 146 12.91 -18.30 0.26
N ALA B 147 14.23 -18.43 0.18
CA ALA B 147 15.16 -17.60 0.94
C ALA B 147 15.27 -16.22 0.32
N HIS B 148 15.58 -15.21 1.14
CA HIS B 148 15.75 -13.84 0.68
C HIS B 148 17.20 -13.39 0.82
N GLN B 149 17.84 -13.12 -0.31
CA GLN B 149 19.24 -12.65 -0.37
C GLN B 149 20.19 -13.47 0.50
N ASP B 150 20.18 -14.78 0.28
CA ASP B 150 21.03 -15.72 1.01
C ASP B 150 22.35 -15.90 0.25
N VAL B 151 23.41 -16.21 1.00
CA VAL B 151 24.73 -16.53 0.42
C VAL B 151 24.68 -17.88 -0.33
N ARG B 152 23.76 -18.75 0.11
CA ARG B 152 23.49 -20.01 -0.56
C ARG B 152 22.54 -19.74 -1.74
N TYR B 153 23.10 -19.16 -2.80
CA TYR B 153 22.33 -18.63 -3.95
C TYR B 153 21.17 -19.51 -4.42
N TYR B 154 21.39 -20.83 -4.43
CA TYR B 154 20.41 -21.81 -4.90
C TYR B 154 19.09 -21.80 -4.13
N LEU B 155 19.13 -21.38 -2.86
CA LEU B 155 17.94 -21.32 -2.02
C LEU B 155 17.05 -20.12 -2.32
N ASN B 156 17.62 -19.10 -2.95
CA ASN B 156 16.89 -17.89 -3.32
C ASN B 156 15.95 -18.10 -4.51
N GLY B 157 16.00 -19.28 -5.12
CA GLY B 157 15.14 -19.61 -6.25
C GLY B 157 14.11 -20.67 -5.91
N MET B 158 13.55 -21.30 -6.95
CA MET B 158 12.58 -22.37 -6.79
C MET B 158 12.93 -23.53 -7.71
N LEU B 159 12.94 -24.74 -7.16
CA LEU B 159 13.18 -25.93 -7.94
C LEU B 159 11.93 -26.33 -8.72
N PHE B 160 12.10 -26.65 -9.99
CA PHE B 160 11.03 -27.15 -10.84
C PHE B 160 11.37 -28.56 -11.30
N GLU B 161 10.47 -29.51 -11.02
CA GLU B 161 10.75 -30.91 -11.23
C GLU B 161 9.66 -31.60 -12.05
N THR B 162 10.08 -32.33 -13.08
CA THR B 162 9.20 -33.17 -13.87
C THR B 162 9.44 -34.63 -13.51
N GLU B 163 8.35 -35.34 -13.20
CA GLU B 163 8.42 -36.78 -12.87
C GLU B 163 7.09 -37.44 -13.20
N GLY B 164 7.13 -38.36 -14.16
CA GLY B 164 5.94 -39.11 -14.58
C GLY B 164 4.90 -38.24 -15.26
N GLU B 165 3.71 -38.19 -14.68
CA GLU B 165 2.62 -37.36 -15.18
C GLU B 165 2.53 -36.03 -14.44
N GLU B 166 3.51 -35.76 -13.57
CA GLU B 166 3.43 -34.64 -12.63
C GLU B 166 4.53 -33.59 -12.78
N LEU B 167 4.15 -32.34 -12.54
CA LEU B 167 5.09 -31.24 -12.38
C LEU B 167 5.11 -30.83 -10.91
N ARG B 168 6.31 -30.58 -10.39
CA ARG B 168 6.52 -30.34 -8.96
C ARG B 168 7.37 -29.09 -8.70
N THR B 169 7.01 -28.34 -7.65
CA THR B 169 7.82 -27.21 -7.19
C THR B 169 8.35 -27.45 -5.78
N VAL B 170 9.62 -27.10 -5.56
CA VAL B 170 10.24 -27.22 -4.23
C VAL B 170 10.91 -25.89 -3.85
N ALA B 171 10.64 -25.45 -2.61
CA ALA B 171 11.28 -24.25 -2.07
C ALA B 171 11.61 -24.42 -0.59
N THR B 172 12.80 -23.96 -0.21
CA THR B 172 13.23 -23.98 1.18
C THR B 172 14.25 -22.87 1.48
N ASP B 173 14.22 -22.36 2.70
CA ASP B 173 15.17 -21.34 3.12
C ASP B 173 16.17 -21.88 4.15
N GLY B 174 16.16 -23.21 4.33
CA GLY B 174 17.00 -23.87 5.32
C GLY B 174 16.26 -24.14 6.61
N HIS B 175 15.40 -23.21 7.01
CA HIS B 175 14.61 -23.33 8.23
C HIS B 175 13.34 -24.15 8.00
N ARG B 176 12.62 -23.83 6.92
CA ARG B 176 11.36 -24.51 6.57
C ARG B 176 11.28 -24.87 5.09
N LEU B 177 10.54 -25.94 4.79
CA LEU B 177 10.41 -26.44 3.42
C LEU B 177 8.96 -26.49 2.95
N ALA B 178 8.77 -26.23 1.65
CA ALA B 178 7.49 -26.39 0.99
C ALA B 178 7.66 -27.16 -0.32
N VAL B 179 6.73 -28.06 -0.61
CA VAL B 179 6.77 -28.88 -1.82
C VAL B 179 5.36 -29.18 -2.31
N CYS B 180 5.13 -28.94 -3.61
CA CYS B 180 3.82 -29.13 -4.22
C CYS B 180 3.93 -29.89 -5.55
N SER B 181 3.07 -30.89 -5.72
CA SER B 181 3.01 -31.68 -6.95
C SER B 181 1.63 -31.61 -7.58
N MET B 182 1.59 -31.50 -8.91
CA MET B 182 0.33 -31.43 -9.65
C MET B 182 0.41 -32.29 -10.92
N PRO B 183 -0.64 -33.07 -11.20
CA PRO B 183 -0.68 -33.87 -12.43
C PRO B 183 -1.01 -33.01 -13.64
N ILE B 184 -0.37 -33.30 -14.78
CA ILE B 184 -0.63 -32.56 -16.02
C ILE B 184 -1.10 -33.44 -17.18
N GLY B 185 -1.20 -34.74 -16.94
CA GLY B 185 -1.70 -35.70 -17.94
C GLY B 185 -0.77 -35.92 -19.12
N GLN B 186 0.52 -35.70 -18.91
CA GLN B 186 1.54 -35.90 -19.93
C GLN B 186 2.71 -36.69 -19.35
N SER B 187 3.18 -37.68 -20.11
CA SER B 187 4.37 -38.44 -19.74
C SER B 187 5.62 -37.57 -19.91
N LEU B 188 6.36 -37.39 -18.83
CA LEU B 188 7.51 -36.49 -18.81
C LEU B 188 8.80 -37.19 -18.40
N PRO B 189 9.94 -36.75 -18.96
CA PRO B 189 11.25 -37.21 -18.47
C PRO B 189 11.59 -36.51 -17.15
N SER B 190 12.78 -36.76 -16.62
CA SER B 190 13.17 -36.16 -15.34
C SER B 190 14.18 -35.03 -15.46
N HIS B 191 13.69 -33.82 -15.17
CA HIS B 191 14.53 -32.63 -15.08
C HIS B 191 14.32 -31.93 -13.75
N SER B 192 15.41 -31.42 -13.19
CA SER B 192 15.36 -30.71 -11.92
C SER B 192 16.14 -29.40 -12.05
N VAL B 193 15.39 -28.32 -12.33
CA VAL B 193 16.01 -27.03 -12.62
C VAL B 193 15.62 -25.97 -11.58
N ILE B 194 16.54 -25.06 -11.29
CA ILE B 194 16.33 -23.99 -10.33
C ILE B 194 16.00 -22.68 -11.06
N VAL B 195 14.80 -22.17 -10.83
CA VAL B 195 14.33 -20.92 -11.41
C VAL B 195 14.53 -19.79 -10.41
N PRO B 196 15.25 -18.72 -10.81
CA PRO B 196 15.57 -17.57 -9.96
C PRO B 196 14.35 -16.84 -9.38
N ARG B 197 14.59 -16.02 -8.36
CA ARG B 197 13.53 -15.33 -7.61
C ARG B 197 12.62 -14.48 -8.49
N LYS B 198 13.21 -13.60 -9.28
CA LYS B 198 12.46 -12.71 -10.18
C LYS B 198 11.76 -13.48 -11.29
N GLY B 199 12.33 -14.62 -11.66
CA GLY B 199 11.74 -15.50 -12.67
C GLY B 199 10.44 -16.12 -12.21
N VAL B 200 10.40 -16.45 -10.91
CA VAL B 200 9.21 -16.99 -10.25
C VAL B 200 8.11 -15.92 -10.21
N ILE B 201 8.50 -14.69 -9.90
CA ILE B 201 7.60 -13.54 -9.90
C ILE B 201 7.00 -13.28 -11.29
N GLU B 202 7.86 -13.27 -12.31
CA GLU B 202 7.43 -13.02 -13.70
C GLU B 202 6.51 -14.10 -14.25
N LEU B 203 6.81 -15.36 -13.93
CA LEU B 203 5.94 -16.48 -14.27
C LEU B 203 4.53 -16.28 -13.72
N MET B 204 4.47 -15.86 -12.45
CA MET B 204 3.21 -15.58 -11.77
C MET B 204 2.49 -14.36 -12.36
N ARG B 205 3.27 -13.35 -12.78
CA ARG B 205 2.71 -12.10 -13.33
C ARG B 205 1.94 -12.28 -14.64
N MET B 206 2.37 -13.23 -15.47
CA MET B 206 1.82 -13.39 -16.81
C MET B 206 0.57 -14.27 -16.90
N LEU B 207 0.12 -14.77 -15.76
CA LEU B 207 -1.09 -15.60 -15.69
C LEU B 207 -2.32 -14.73 -15.44
N ASP B 208 -3.00 -14.37 -16.52
CA ASP B 208 -4.16 -13.47 -16.46
C ASP B 208 -5.47 -14.14 -16.04
N GLY B 209 -5.39 -15.43 -15.71
CA GLY B 209 -6.56 -16.18 -15.27
C GLY B 209 -7.52 -16.54 -16.39
N GLY B 210 -7.06 -16.42 -17.64
CA GLY B 210 -7.84 -16.84 -18.79
C GLY B 210 -7.68 -18.34 -19.04
N ASP B 211 -8.35 -18.83 -20.08
CA ASP B 211 -8.27 -20.25 -20.44
C ASP B 211 -7.22 -20.54 -21.51
N ASN B 212 -6.35 -19.55 -21.76
CA ASN B 212 -5.20 -19.73 -22.63
C ASN B 212 -4.19 -20.68 -21.98
N PRO B 213 -3.87 -21.81 -22.64
CA PRO B 213 -2.94 -22.77 -22.07
C PRO B 213 -1.51 -22.22 -21.99
N LEU B 214 -0.77 -22.67 -20.98
CA LEU B 214 0.63 -22.29 -20.83
C LEU B 214 1.53 -23.36 -21.43
N ARG B 215 2.37 -22.95 -22.38
CA ARG B 215 3.35 -23.84 -22.98
C ARG B 215 4.72 -23.60 -22.35
N VAL B 216 5.31 -24.65 -21.79
CA VAL B 216 6.60 -24.55 -21.10
C VAL B 216 7.69 -25.34 -21.83
N GLN B 217 8.84 -24.70 -22.02
CA GLN B 217 10.02 -25.35 -22.57
C GLN B 217 11.17 -25.19 -21.59
N ILE B 218 11.87 -26.29 -21.31
CA ILE B 218 13.04 -26.25 -20.42
C ILE B 218 14.27 -26.82 -21.12
N GLY B 219 15.39 -26.15 -20.95
CA GLY B 219 16.67 -26.63 -21.46
C GLY B 219 17.65 -26.89 -20.33
N SER B 220 18.91 -27.13 -20.69
CA SER B 220 19.97 -27.40 -19.71
C SER B 220 20.32 -26.19 -18.87
N ASN B 221 20.13 -25.00 -19.44
CA ASN B 221 20.51 -23.75 -18.77
C ASN B 221 19.46 -22.64 -18.85
N ASN B 222 18.31 -22.95 -19.45
CA ASN B 222 17.23 -21.97 -19.64
C ASN B 222 15.82 -22.54 -19.45
N ILE B 223 14.90 -21.65 -19.09
CA ILE B 223 13.46 -21.97 -19.04
C ILE B 223 12.67 -20.93 -19.85
N ARG B 224 11.65 -21.40 -20.57
CA ARG B 224 10.79 -20.53 -21.35
C ARG B 224 9.32 -20.82 -21.07
N ALA B 225 8.55 -19.75 -20.88
CA ALA B 225 7.10 -19.86 -20.65
C ALA B 225 6.33 -19.02 -21.67
N HIS B 226 5.33 -19.66 -22.28
CA HIS B 226 4.60 -19.08 -23.40
C HIS B 226 3.11 -18.96 -23.05
N VAL B 227 2.65 -17.73 -22.80
CA VAL B 227 1.24 -17.46 -22.49
C VAL B 227 0.69 -16.40 -23.45
N GLY B 228 -0.35 -16.77 -24.20
CA GLY B 228 -1.00 -15.86 -25.14
C GLY B 228 -0.04 -15.23 -26.14
N ASP B 229 0.03 -13.90 -26.11
CA ASP B 229 0.95 -13.14 -26.97
C ASP B 229 2.26 -12.77 -26.24
N PHE B 230 2.54 -13.47 -25.14
CA PHE B 230 3.70 -13.17 -24.29
C PHE B 230 4.66 -14.36 -24.22
N ILE B 231 5.96 -14.07 -24.32
CA ILE B 231 7.00 -15.09 -24.20
C ILE B 231 8.01 -14.68 -23.13
N PHE B 232 8.15 -15.52 -22.11
CA PHE B 232 9.09 -15.28 -21.03
C PHE B 232 10.23 -16.29 -21.06
N THR B 233 11.46 -15.78 -21.07
CA THR B 233 12.65 -16.61 -21.03
C THR B 233 13.53 -16.20 -19.85
N SER B 234 14.05 -17.18 -19.13
CA SER B 234 14.94 -16.93 -18.01
C SER B 234 16.08 -17.93 -17.99
N LYS B 235 17.27 -17.44 -17.60
CA LYS B 235 18.40 -18.32 -17.33
C LYS B 235 18.16 -19.05 -16.02
N LEU B 236 18.67 -20.27 -15.93
CA LEU B 236 18.49 -21.09 -14.73
C LEU B 236 19.67 -20.95 -13.78
N VAL B 237 19.44 -21.20 -12.50
CA VAL B 237 20.48 -21.13 -11.49
C VAL B 237 21.17 -22.48 -11.37
N ASP B 238 22.48 -22.48 -11.64
CA ASP B 238 23.31 -23.68 -11.48
C ASP B 238 23.65 -23.86 -10.01
N GLY B 239 23.43 -25.07 -9.49
CA GLY B 239 23.73 -25.38 -8.10
C GLY B 239 23.18 -26.71 -7.66
N ARG B 240 23.47 -27.07 -6.40
CA ARG B 240 22.99 -28.32 -5.81
C ARG B 240 21.83 -28.04 -4.85
N PHE B 241 20.61 -28.11 -5.38
CA PHE B 241 19.41 -27.89 -4.59
C PHE B 241 19.10 -29.13 -3.74
N PRO B 242 18.80 -28.93 -2.45
CA PRO B 242 18.53 -30.05 -1.53
C PRO B 242 17.34 -30.91 -1.96
N ASP B 243 17.39 -32.20 -1.62
CA ASP B 243 16.29 -33.12 -1.90
C ASP B 243 15.25 -33.03 -0.79
N TYR B 244 13.98 -32.94 -1.19
CA TYR B 244 12.88 -32.84 -0.24
C TYR B 244 12.57 -34.19 0.43
N ARG B 245 12.91 -35.27 -0.27
CA ARG B 245 12.66 -36.64 0.21
C ARG B 245 13.43 -36.98 1.49
N ARG B 246 14.54 -36.28 1.73
CA ARG B 246 15.36 -36.49 2.92
C ARG B 246 15.01 -35.53 4.05
N VAL B 247 14.21 -34.51 3.74
CA VAL B 247 13.79 -33.50 4.73
C VAL B 247 12.44 -33.87 5.35
N LEU B 248 11.59 -34.55 4.58
CA LEU B 248 10.30 -35.04 5.06
C LEU B 248 10.50 -36.02 6.22
N PRO B 249 9.79 -35.79 7.35
CA PRO B 249 9.84 -36.68 8.51
C PRO B 249 9.56 -38.14 8.13
N LYS B 250 10.46 -39.02 8.53
CA LYS B 250 10.37 -40.46 8.20
C LYS B 250 9.24 -41.17 8.96
N ASN B 251 9.04 -40.78 10.21
CA ASN B 251 8.13 -41.50 11.10
C ASN B 251 7.10 -40.61 11.81
N PRO B 252 6.11 -40.09 11.07
CA PRO B 252 5.06 -39.29 11.71
C PRO B 252 3.96 -40.17 12.29
N ASP B 253 4.11 -40.53 13.56
CA ASP B 253 3.17 -41.44 14.24
C ASP B 253 1.96 -40.71 14.84
N LYS B 254 2.09 -39.40 15.02
CA LYS B 254 1.05 -38.62 15.71
C LYS B 254 0.35 -37.63 14.76
N HIS B 255 -0.82 -38.04 14.27
CA HIS B 255 -1.58 -37.26 13.30
C HIS B 255 -2.68 -36.41 13.95
N LEU B 256 -2.61 -35.10 13.73
CA LEU B 256 -3.61 -34.16 14.24
C LEU B 256 -4.39 -33.54 13.10
N GLU B 257 -5.72 -33.59 13.19
CA GLU B 257 -6.58 -32.99 12.18
C GLU B 257 -7.46 -31.91 12.79
N ALA B 258 -7.47 -30.73 12.17
CA ALA B 258 -8.19 -29.57 12.69
C ALA B 258 -8.63 -28.61 11.58
N GLY B 259 -9.63 -27.80 11.88
CA GLY B 259 -10.10 -26.76 10.96
C GLY B 259 -9.00 -25.75 10.68
N CYS B 260 -8.75 -25.51 9.39
CA CYS B 260 -7.66 -24.64 8.95
C CYS B 260 -7.79 -23.22 9.49
N ASP B 261 -8.99 -22.63 9.34
CA ASP B 261 -9.21 -21.26 9.76
C ASP B 261 -9.21 -21.11 11.29
N LEU B 262 -9.74 -22.11 11.99
CA LEU B 262 -9.73 -22.11 13.45
C LEU B 262 -8.32 -22.24 14.02
N LEU B 263 -7.48 -23.02 13.34
CA LEU B 263 -6.08 -23.13 13.72
C LEU B 263 -5.35 -21.82 13.40
N LYS B 264 -5.67 -21.23 12.25
CA LYS B 264 -5.05 -19.99 11.79
C LYS B 264 -5.31 -18.83 12.75
N GLN B 265 -6.58 -18.63 13.10
CA GLN B 265 -6.99 -17.50 13.94
C GLN B 265 -6.54 -17.65 15.39
N ALA B 266 -6.34 -18.89 15.82
CA ALA B 266 -5.82 -19.16 17.17
C ALA B 266 -4.32 -18.87 17.24
N PHE B 267 -3.59 -19.25 16.18
CA PHE B 267 -2.16 -18.95 16.07
C PHE B 267 -1.91 -17.45 15.94
N ALA B 268 -2.75 -16.77 15.15
CA ALA B 268 -2.63 -15.33 14.93
C ALA B 268 -2.87 -14.53 16.20
N ARG B 269 -3.86 -14.93 16.99
CA ARG B 269 -4.14 -14.27 18.27
C ARG B 269 -3.03 -14.49 19.28
N ALA B 270 -2.50 -15.72 19.31
CA ALA B 270 -1.39 -16.09 20.20
C ALA B 270 -0.08 -15.37 19.84
N ALA B 271 0.15 -15.19 18.54
CA ALA B 271 1.36 -14.55 18.03
C ALA B 271 1.59 -13.16 18.60
N ILE B 272 0.51 -12.46 18.90
CA ILE B 272 0.54 -11.07 19.40
C ILE B 272 1.38 -10.95 20.66
N LEU B 273 1.37 -11.99 21.49
CA LEU B 273 2.09 -11.96 22.77
C LEU B 273 3.35 -12.82 22.79
N SER B 274 3.75 -13.33 21.62
CA SER B 274 4.99 -14.07 21.49
C SER B 274 6.19 -13.12 21.47
N ASN B 275 7.39 -13.67 21.69
CA ASN B 275 8.64 -12.91 21.59
C ASN B 275 8.76 -12.26 20.22
N GLU B 276 8.99 -10.95 20.20
CA GLU B 276 8.97 -10.15 18.97
C GLU B 276 10.03 -10.53 17.93
N LYS B 277 11.16 -11.07 18.39
CA LYS B 277 12.24 -11.47 17.50
C LYS B 277 12.14 -12.95 17.10
N PHE B 278 11.89 -13.81 18.08
CA PHE B 278 11.90 -15.27 17.86
C PHE B 278 10.55 -15.87 17.47
N ARG B 279 9.46 -15.18 17.84
CA ARG B 279 8.09 -15.53 17.44
C ARG B 279 7.67 -16.95 17.84
N GLY B 280 8.04 -17.35 19.04
CA GLY B 280 7.81 -18.72 19.50
C GLY B 280 6.46 -18.95 20.14
N VAL B 281 5.79 -20.02 19.72
CA VAL B 281 4.56 -20.49 20.36
C VAL B 281 4.69 -21.93 20.83
N ARG B 282 4.06 -22.23 21.96
CA ARG B 282 4.09 -23.57 22.54
C ARG B 282 2.83 -24.32 22.16
N LEU B 283 2.99 -25.58 21.75
CA LEU B 283 1.85 -26.44 21.41
C LEU B 283 1.82 -27.67 22.31
N TYR B 284 0.73 -27.82 23.05
CA TYR B 284 0.48 -29.03 23.83
C TYR B 284 -0.69 -29.78 23.21
N VAL B 285 -0.45 -31.02 22.80
CA VAL B 285 -1.48 -31.83 22.17
C VAL B 285 -1.89 -33.01 23.06
N SER B 286 -3.20 -33.14 23.26
CA SER B 286 -3.78 -34.23 24.02
C SER B 286 -4.96 -34.80 23.23
N GLU B 287 -5.66 -35.80 23.81
CA GLU B 287 -6.79 -36.43 23.12
C GLU B 287 -7.84 -35.40 22.71
N ASN B 288 -8.06 -35.31 21.40
CA ASN B 288 -9.05 -34.41 20.78
C ASN B 288 -8.95 -32.93 21.15
N GLN B 289 -7.78 -32.49 21.62
CA GLN B 289 -7.58 -31.10 22.02
C GLN B 289 -6.18 -30.60 21.73
N LEU B 290 -6.09 -29.35 21.27
CA LEU B 290 -4.81 -28.66 21.08
C LEU B 290 -4.78 -27.36 21.88
N LYS B 291 -3.70 -27.17 22.64
CA LYS B 291 -3.52 -25.94 23.42
C LYS B 291 -2.32 -25.15 22.90
N ILE B 292 -2.56 -23.90 22.54
CA ILE B 292 -1.54 -23.01 22.02
C ILE B 292 -1.26 -21.90 23.03
N THR B 293 -0.02 -21.82 23.50
CA THR B 293 0.38 -20.78 24.46
C THR B 293 1.59 -20.00 23.97
N ALA B 294 1.56 -18.69 24.20
CA ALA B 294 2.69 -17.83 23.84
C ALA B 294 3.00 -16.87 24.99
N ASN B 295 4.29 -16.63 25.20
CA ASN B 295 4.74 -15.65 26.17
C ASN B 295 5.95 -14.84 25.70
N ASN B 296 5.98 -13.57 26.07
CA ASN B 296 7.09 -12.67 25.75
C ASN B 296 7.86 -12.28 27.01
N PRO B 297 9.06 -11.69 26.84
CA PRO B 297 9.85 -11.25 28.00
C PRO B 297 9.17 -10.21 28.89
N GLU B 298 8.11 -9.57 28.37
CA GLU B 298 7.33 -8.60 29.14
C GLU B 298 6.40 -9.26 30.16
N GLN B 299 6.48 -10.59 30.25
CA GLN B 299 5.66 -11.36 31.19
C GLN B 299 4.20 -11.50 30.76
N GLU B 300 3.95 -11.28 29.47
CA GLU B 300 2.60 -11.38 28.92
C GLU B 300 2.36 -12.80 28.39
N GLU B 301 1.11 -13.26 28.48
CA GLU B 301 0.78 -14.63 28.12
C GLU B 301 -0.53 -14.72 27.35
N ALA B 302 -0.52 -15.54 26.30
CA ALA B 302 -1.72 -15.87 25.54
C ALA B 302 -1.97 -17.38 25.60
N GLU B 303 -3.24 -17.76 25.61
CA GLU B 303 -3.63 -19.16 25.57
C GLU B 303 -4.85 -19.39 24.69
N GLU B 304 -4.77 -20.42 23.84
CA GLU B 304 -5.87 -20.81 22.97
C GLU B 304 -6.13 -22.31 23.11
N ILE B 305 -7.41 -22.68 23.15
CA ILE B 305 -7.80 -24.09 23.23
C ILE B 305 -8.75 -24.44 22.10
N LEU B 306 -8.44 -25.51 21.37
CA LEU B 306 -9.21 -25.95 20.21
C LEU B 306 -9.58 -27.42 20.32
N ASP B 307 -10.79 -27.75 19.84
CA ASP B 307 -11.17 -29.14 19.62
C ASP B 307 -10.55 -29.63 18.31
N VAL B 308 -9.81 -30.73 18.38
CA VAL B 308 -9.18 -31.32 17.21
C VAL B 308 -9.50 -32.82 17.13
N THR B 309 -8.97 -33.50 16.12
CA THR B 309 -9.00 -34.95 16.07
C THR B 309 -7.59 -35.48 16.35
N TYR B 310 -7.44 -36.18 17.46
CA TYR B 310 -6.15 -36.69 17.91
C TYR B 310 -6.31 -37.85 18.91
N SER B 311 -5.62 -38.95 18.62
CA SER B 311 -5.70 -40.17 19.46
C SER B 311 -4.36 -40.61 20.04
N GLY B 312 -3.28 -39.98 19.60
CA GLY B 312 -1.93 -40.37 20.00
C GLY B 312 -1.53 -40.00 21.42
N ALA B 313 -0.24 -40.15 21.72
CA ALA B 313 0.30 -39.81 23.04
C ALA B 313 0.53 -38.31 23.14
N GLU B 314 0.40 -37.78 24.35
CA GLU B 314 0.59 -36.35 24.60
C GLU B 314 2.04 -35.93 24.38
N MET B 315 2.21 -34.73 23.84
CA MET B 315 3.54 -34.13 23.64
C MET B 315 3.49 -32.60 23.59
N GLU B 316 4.62 -31.99 23.93
CA GLU B 316 4.79 -30.54 23.90
C GLU B 316 5.85 -30.17 22.88
N ILE B 317 5.54 -29.21 22.02
CA ILE B 317 6.44 -28.81 20.93
C ILE B 317 6.37 -27.31 20.65
N GLY B 318 7.52 -26.72 20.32
CA GLY B 318 7.61 -25.29 20.05
C GLY B 318 7.79 -24.98 18.57
N PHE B 319 7.12 -23.92 18.11
CA PHE B 319 7.20 -23.49 16.72
C PHE B 319 7.33 -21.98 16.58
N ASN B 320 8.05 -21.57 15.53
CA ASN B 320 8.02 -20.20 15.07
C ASN B 320 6.66 -19.96 14.43
N VAL B 321 5.85 -19.11 15.06
CA VAL B 321 4.45 -18.90 14.68
C VAL B 321 4.30 -18.37 13.24
N SER B 322 5.24 -17.54 12.80
CA SER B 322 5.22 -16.98 11.45
C SER B 322 5.29 -18.07 10.39
N TYR B 323 6.10 -19.10 10.65
CA TYR B 323 6.22 -20.24 9.74
C TYR B 323 4.92 -21.03 9.64
N VAL B 324 4.27 -21.26 10.78
CA VAL B 324 2.99 -21.98 10.83
C VAL B 324 1.89 -21.20 10.11
N LEU B 325 1.80 -19.90 10.40
CA LEU B 325 0.82 -19.01 9.77
C LEU B 325 1.03 -18.90 8.26
N ASP B 326 2.30 -18.91 7.82
CA ASP B 326 2.64 -18.94 6.40
C ASP B 326 2.09 -20.19 5.70
N VAL B 327 2.26 -21.34 6.34
CA VAL B 327 1.74 -22.61 5.83
C VAL B 327 0.22 -22.58 5.72
N LEU B 328 -0.44 -22.20 6.81
CA LEU B 328 -1.90 -22.20 6.90
C LEU B 328 -2.57 -21.23 5.92
N ASN B 329 -1.93 -20.08 5.68
CA ASN B 329 -2.41 -19.12 4.68
C ASN B 329 -2.23 -19.63 3.25
N ALA B 330 -1.21 -20.45 3.03
CA ALA B 330 -0.92 -21.02 1.70
C ALA B 330 -1.83 -22.19 1.35
N LEU B 331 -2.30 -22.91 2.36
CA LEU B 331 -3.17 -24.07 2.15
C LEU B 331 -4.58 -23.67 1.72
N LYS B 332 -5.15 -22.69 2.42
CA LYS B 332 -6.49 -22.13 2.12
C LYS B 332 -7.54 -23.23 1.87
N CYS B 333 -7.61 -24.17 2.80
CA CYS B 333 -8.54 -25.30 2.73
C CYS B 333 -9.36 -25.35 4.00
N GLU B 334 -10.27 -26.32 4.10
CA GLU B 334 -11.14 -26.44 5.27
C GLU B 334 -10.44 -27.12 6.46
N ASN B 335 -9.74 -28.22 6.19
CA ASN B 335 -9.07 -28.99 7.24
C ASN B 335 -7.58 -29.20 7.02
N VAL B 336 -6.81 -29.05 8.09
CA VAL B 336 -5.36 -29.19 8.06
C VAL B 336 -4.91 -30.44 8.83
N ARG B 337 -3.80 -31.05 8.40
CA ARG B 337 -3.23 -32.20 9.11
C ARG B 337 -1.79 -31.92 9.55
N MET B 338 -1.56 -32.01 10.86
CA MET B 338 -0.23 -31.86 11.43
C MET B 338 0.36 -33.21 11.83
N MET B 339 1.41 -33.62 11.13
CA MET B 339 2.03 -34.94 11.32
C MET B 339 3.26 -34.84 12.22
N LEU B 340 3.09 -35.26 13.47
CA LEU B 340 4.10 -35.08 14.52
C LEU B 340 4.87 -36.35 14.86
N THR B 341 6.05 -36.17 15.48
CA THR B 341 6.85 -37.27 15.98
C THR B 341 7.17 -37.04 17.47
N ASP B 342 8.00 -36.03 17.74
CA ASP B 342 8.36 -35.64 19.11
C ASP B 342 8.81 -34.18 19.17
N SER B 343 9.21 -33.73 20.37
CA SER B 343 9.57 -32.34 20.63
C SER B 343 10.84 -31.86 19.91
N VAL B 344 11.63 -32.79 19.38
CA VAL B 344 12.91 -32.44 18.74
C VAL B 344 12.95 -32.72 17.24
N SER B 345 11.85 -33.25 16.70
CA SER B 345 11.76 -33.55 15.27
C SER B 345 10.83 -32.59 14.54
N SER B 346 10.98 -32.52 13.21
CA SER B 346 10.18 -31.64 12.37
C SER B 346 8.73 -32.11 12.25
N VAL B 347 7.85 -31.17 11.96
CA VAL B 347 6.45 -31.48 11.69
C VAL B 347 6.20 -31.48 10.19
N GLN B 348 5.26 -32.32 9.75
CA GLN B 348 4.78 -32.26 8.38
C GLN B 348 3.34 -31.75 8.39
N ILE B 349 3.12 -30.61 7.75
CA ILE B 349 1.79 -30.03 7.66
C ILE B 349 1.26 -30.17 6.23
N GLU B 350 0.09 -30.78 6.09
CA GLU B 350 -0.55 -31.00 4.80
C GLU B 350 -2.00 -30.56 4.84
N ASP B 351 -2.59 -30.36 3.67
CA ASP B 351 -4.04 -30.31 3.54
C ASP B 351 -4.56 -31.69 3.94
N ALA B 352 -5.57 -31.72 4.80
CA ALA B 352 -6.13 -32.98 5.28
C ALA B 352 -6.76 -33.81 4.16
N ALA B 353 -7.16 -33.15 3.07
CA ALA B 353 -7.85 -33.79 1.97
C ALA B 353 -6.94 -34.10 0.77
N SER B 354 -5.69 -33.64 0.81
CA SER B 354 -4.79 -33.76 -0.33
C SER B 354 -3.31 -33.87 0.05
N GLN B 355 -2.63 -34.82 -0.58
CA GLN B 355 -1.19 -35.03 -0.38
C GLN B 355 -0.35 -34.26 -1.40
N SER B 356 -1.01 -33.50 -2.27
CA SER B 356 -0.35 -32.77 -3.34
C SER B 356 0.61 -31.68 -2.84
N ALA B 357 0.31 -31.12 -1.68
CA ALA B 357 1.21 -30.16 -1.01
C ALA B 357 1.56 -30.62 0.40
N ALA B 358 2.84 -30.48 0.75
CA ALA B 358 3.34 -30.84 2.07
C ALA B 358 4.35 -29.82 2.57
N TYR B 359 4.32 -29.54 3.86
CA TYR B 359 5.15 -28.50 4.46
C TYR B 359 5.93 -29.04 5.65
N VAL B 360 7.20 -28.64 5.74
CA VAL B 360 8.07 -29.10 6.82
C VAL B 360 8.63 -27.90 7.59
N VAL B 361 8.35 -27.86 8.89
CA VAL B 361 8.84 -26.81 9.78
C VAL B 361 9.65 -27.43 10.91
N MET B 362 10.84 -26.89 11.15
CA MET B 362 11.73 -27.37 12.20
CA MET B 362 11.73 -27.37 12.20
C MET B 362 11.23 -26.97 13.59
N PRO B 363 11.41 -27.86 14.60
CA PRO B 363 10.97 -27.53 15.96
C PRO B 363 11.78 -26.40 16.58
N MET B 364 11.33 -25.91 17.72
CA MET B 364 11.93 -24.74 18.36
C MET B 364 12.03 -24.90 19.87
N ARG B 365 13.16 -24.47 20.42
CA ARG B 365 13.36 -24.42 21.88
C ARG B 365 12.90 -23.07 22.41
N LEU B 366 12.08 -23.10 23.46
CA LEU B 366 11.53 -21.87 24.07
C LEU B 366 11.19 -22.03 25.54
#